data_6PKU
#
_entry.id   6PKU
#
_cell.length_a   43.459
_cell.length_b   232.556
_cell.length_c   65.305
_cell.angle_alpha   90.00
_cell.angle_beta   109.15
_cell.angle_gamma   90.00
#
_symmetry.space_group_name_H-M   'P 1 21 1'
#
loop_
_entity.id
_entity.type
_entity.pdbx_description
1 polymer 'N-acetylglucosamine-1-phosphodiester alpha-N-acetylglucosaminidase (NAGPA)'
2 non-polymer 2-acetamido-2-deoxy-alpha-D-glucopyranose
3 non-polymer 6-O-phosphono-alpha-D-mannopyranose
4 non-polymer 2-acetamido-2-deoxy-beta-D-glucopyranose
5 water water
#
_entity_poly.entity_id   1
_entity_poly.type   'polypeptide(L)'
_entity_poly.pdbx_seq_one_letter_code
;DRHHHHHHGSGPYPRARLRPVRDSTPVHTGSLKHENWPPPPAAPGAGPPAVRTFVSHFGGRAVSGHLTRAAAPLRTFSVL
EPGGPGGCSQKRRATVEETAQAAACRIAQNGGFFRMNTGECLGNVVSDGRRVSSSGGLQNAQFGIRRDGTLVTGYLSEEE
VLDTENPFVQLLSGVVWLIRNGSIYINESQATESDETQETGSFSKFVNVMSARTAIGHDRDGQLVLFHADGQTEQRGINL
WEMAEFLLRQGVVNAINLDGGGSATFVLNGTLASYPSDHCQDNMWRCPRRVSTVVCVHEP
;
_entity_poly.pdbx_strand_id   A,B,C,D
#
# COMPACT_ATOMS: atom_id res chain seq x y z
N LEU A 32 29.48 5.75 -20.42
CA LEU A 32 29.73 4.53 -21.16
C LEU A 32 30.22 3.43 -20.23
N LYS A 33 29.91 3.57 -18.94
CA LYS A 33 30.20 2.53 -17.96
C LYS A 33 28.97 1.72 -17.58
N HIS A 34 27.83 1.97 -18.22
CA HIS A 34 26.60 1.22 -17.95
C HIS A 34 25.82 1.16 -19.25
N GLU A 35 24.78 0.32 -19.25
CA GLU A 35 23.91 0.11 -20.40
C GLU A 35 22.48 0.49 -20.02
N ASN A 36 21.79 1.16 -20.95
CA ASN A 36 20.38 1.52 -20.80
C ASN A 36 19.57 0.78 -21.85
N TRP A 37 18.50 0.11 -21.42
CA TRP A 37 17.60 -0.58 -22.33
C TRP A 37 16.23 0.08 -22.25
N PRO A 38 15.72 0.69 -23.33
CA PRO A 38 14.44 1.43 -23.24
C PRO A 38 13.27 0.50 -22.99
N PRO A 39 12.18 1.00 -22.42
CA PRO A 39 10.99 0.16 -22.26
C PRO A 39 10.42 -0.23 -23.62
N PRO A 40 10.20 -1.54 -23.87
CA PRO A 40 9.66 -1.99 -25.16
C PRO A 40 8.17 -1.73 -25.32
N GLY A 47 1.04 -11.61 -20.08
CA GLY A 47 1.35 -12.99 -19.79
C GLY A 47 2.08 -13.15 -18.47
N PRO A 48 1.80 -14.23 -17.73
CA PRO A 48 2.50 -14.46 -16.46
C PRO A 48 3.96 -14.78 -16.72
N PRO A 49 4.82 -14.67 -15.69
CA PRO A 49 6.24 -14.96 -15.90
C PRO A 49 6.44 -16.43 -16.24
N ALA A 50 7.42 -16.68 -17.12
CA ALA A 50 7.80 -18.03 -17.50
C ALA A 50 8.84 -18.57 -16.52
N VAL A 51 8.51 -19.66 -15.84
CA VAL A 51 9.43 -20.30 -14.90
C VAL A 51 9.86 -21.62 -15.52
N ARG A 52 11.16 -21.78 -15.75
CA ARG A 52 11.67 -23.01 -16.36
C ARG A 52 12.63 -23.73 -15.42
N THR A 53 12.53 -25.06 -15.40
CA THR A 53 13.40 -25.91 -14.61
C THR A 53 14.43 -26.56 -15.53
N PHE A 54 15.69 -26.59 -15.09
CA PHE A 54 16.68 -27.35 -15.81
C PHE A 54 17.51 -28.25 -14.90
N VAL A 55 18.02 -29.31 -15.52
CA VAL A 55 19.19 -30.05 -15.02
C VAL A 55 20.10 -30.12 -16.24
N SER A 56 21.19 -29.36 -16.21
CA SER A 56 22.04 -29.16 -17.37
C SER A 56 23.48 -29.54 -17.01
N HIS A 57 24.24 -29.90 -18.02
CA HIS A 57 25.56 -30.48 -17.82
C HIS A 57 26.64 -29.44 -18.13
N PHE A 58 27.50 -29.20 -17.15
CA PHE A 58 28.61 -28.27 -17.29
C PHE A 58 29.88 -29.09 -17.08
N GLY A 59 30.59 -29.35 -18.17
CA GLY A 59 31.79 -30.17 -18.07
C GLY A 59 31.52 -31.52 -17.46
N GLY A 60 30.37 -32.11 -17.76
CA GLY A 60 30.03 -33.43 -17.25
C GLY A 60 29.36 -33.43 -15.90
N ARG A 61 29.24 -32.28 -15.24
CA ARG A 61 28.54 -32.19 -13.96
C ARG A 61 27.10 -31.78 -14.22
N ALA A 62 26.16 -32.55 -13.67
CA ALA A 62 24.75 -32.22 -13.76
C ALA A 62 24.41 -31.19 -12.69
N VAL A 63 23.96 -30.02 -13.13
CA VAL A 63 23.64 -28.91 -12.23
C VAL A 63 22.17 -28.56 -12.43
N SER A 64 21.44 -28.47 -11.33
CA SER A 64 20.03 -28.16 -11.36
C SER A 64 19.78 -26.69 -10.97
N GLY A 65 18.68 -26.15 -11.49
CA GLY A 65 18.35 -24.75 -11.25
C GLY A 65 17.10 -24.32 -12.00
N HIS A 66 16.87 -23.01 -12.01
CA HIS A 66 15.68 -22.44 -12.62
C HIS A 66 16.07 -21.17 -13.36
N LEU A 67 15.39 -20.91 -14.46
CA LEU A 67 15.49 -19.67 -15.19
C LEU A 67 14.11 -19.05 -15.25
N THR A 68 13.98 -17.80 -14.82
CA THR A 68 12.71 -17.11 -14.80
C THR A 68 12.77 -15.91 -15.73
N ARG A 69 11.65 -15.65 -16.41
CA ARG A 69 11.56 -14.55 -17.38
C ARG A 69 10.22 -13.86 -17.14
N ALA A 70 10.25 -12.55 -16.86
CA ALA A 70 9.04 -11.83 -16.52
C ALA A 70 8.93 -10.53 -17.30
N ALA A 71 7.75 -10.27 -17.84
CA ALA A 71 7.51 -9.08 -18.62
C ALA A 71 7.13 -7.91 -17.72
N ALA A 72 7.24 -6.70 -18.27
CA ALA A 72 6.84 -5.47 -17.58
C ALA A 72 7.50 -5.34 -16.22
N PRO A 73 8.81 -5.42 -16.11
CA PRO A 73 9.46 -5.32 -14.80
C PRO A 73 9.17 -4.03 -14.05
N LEU A 74 8.84 -2.95 -14.74
CA LEU A 74 8.56 -1.71 -14.02
C LEU A 74 7.40 -1.89 -13.05
N ARG A 75 6.46 -2.77 -13.41
CA ARG A 75 5.31 -3.04 -12.56
C ARG A 75 5.39 -4.35 -11.79
N THR A 76 6.26 -5.29 -12.18
CA THR A 76 6.28 -6.62 -11.55
C THR A 76 7.56 -6.94 -10.79
N PHE A 77 8.59 -6.11 -10.88
CA PHE A 77 9.89 -6.38 -10.29
C PHE A 77 10.11 -5.46 -9.09
N SER A 78 10.48 -6.05 -7.96
CA SER A 78 10.84 -5.28 -6.78
C SER A 78 12.12 -5.81 -6.15
N VAL A 79 12.89 -4.87 -5.60
CA VAL A 79 13.94 -5.19 -4.64
C VAL A 79 13.38 -4.94 -3.25
N LEU A 80 13.49 -5.95 -2.38
CA LEU A 80 12.92 -5.92 -1.04
C LEU A 80 14.00 -5.94 0.03
N GLU A 81 13.75 -5.22 1.10
CA GLU A 81 14.62 -5.27 2.27
C GLU A 81 14.29 -6.50 3.09
N PRO A 82 15.27 -7.03 3.84
CA PRO A 82 15.03 -8.26 4.60
C PRO A 82 13.95 -8.05 5.63
N GLY A 83 13.00 -8.98 5.66
CA GLY A 83 11.92 -8.95 6.64
C GLY A 83 10.79 -8.05 6.19
N GLY A 84 11.08 -6.77 6.06
CA GLY A 84 10.12 -5.80 5.62
C GLY A 84 10.81 -4.47 5.42
N PRO A 85 10.05 -3.46 5.00
CA PRO A 85 10.62 -2.12 4.83
C PRO A 85 11.34 -1.64 6.08
N GLY A 86 12.54 -1.11 5.90
CA GLY A 86 13.38 -0.77 7.02
C GLY A 86 14.40 -1.82 7.39
N GLY A 87 14.38 -2.97 6.72
CA GLY A 87 15.28 -4.05 7.08
C GLY A 87 16.74 -3.67 7.02
N CYS A 88 17.14 -2.90 6.00
CA CYS A 88 18.55 -2.56 5.87
C CYS A 88 19.02 -1.63 6.98
N SER A 89 18.21 -0.62 7.33
CA SER A 89 18.59 0.28 8.42
C SER A 89 18.70 -0.46 9.74
N GLN A 90 17.90 -1.50 9.93
CA GLN A 90 17.95 -2.31 11.15
C GLN A 90 18.90 -3.48 11.03
N LYS A 91 19.54 -3.68 9.88
CA LYS A 91 20.48 -4.77 9.67
C LYS A 91 19.81 -6.12 9.91
N ARG A 92 18.58 -6.27 9.40
CA ARG A 92 17.85 -7.51 9.57
C ARG A 92 18.37 -8.58 8.62
N ARG A 93 18.34 -9.82 9.10
CA ARG A 93 18.63 -11.00 8.29
C ARG A 93 17.42 -11.90 8.35
N ALA A 94 16.88 -12.25 7.19
CA ALA A 94 15.69 -13.08 7.10
C ALA A 94 15.79 -13.98 5.88
N THR A 95 15.14 -15.13 5.96
CA THR A 95 15.10 -16.04 4.82
C THR A 95 14.32 -15.39 3.67
N VAL A 96 14.66 -15.79 2.44
CA VAL A 96 13.89 -15.31 1.30
C VAL A 96 12.41 -15.65 1.49
N GLU A 97 12.11 -16.85 2.04
CA GLU A 97 10.71 -17.21 2.28
C GLU A 97 10.01 -16.18 3.16
N GLU A 98 10.61 -15.86 4.31
CA GLU A 98 10.01 -14.88 5.22
C GLU A 98 9.79 -13.54 4.52
N THR A 99 10.83 -13.02 3.88
CA THR A 99 10.72 -11.73 3.18
C THR A 99 9.71 -11.78 2.05
N ALA A 100 9.67 -12.88 1.29
CA ALA A 100 8.79 -12.95 0.13
C ALA A 100 7.32 -13.14 0.49
N GLN A 101 7.04 -13.87 1.57
CA GLN A 101 5.65 -14.08 1.94
C GLN A 101 4.99 -12.78 2.35
N ALA A 102 5.78 -11.81 2.82
CA ALA A 102 5.21 -10.53 3.21
C ALA A 102 4.88 -9.66 2.01
N ALA A 103 5.59 -9.87 0.89
CA ALA A 103 5.37 -9.10 -0.32
C ALA A 103 4.49 -9.79 -1.35
N ALA A 104 4.14 -11.06 -1.14
CA ALA A 104 3.29 -11.80 -2.09
C ALA A 104 4.01 -12.07 -3.41
N CYS A 105 5.30 -12.37 -3.34
CA CYS A 105 6.07 -12.63 -4.55
C CYS A 105 5.66 -13.95 -5.18
N ARG A 106 5.46 -13.94 -6.50
CA ARG A 106 5.30 -15.18 -7.22
C ARG A 106 6.64 -15.89 -7.40
N ILE A 107 7.71 -15.14 -7.60
CA ILE A 107 9.06 -15.68 -7.67
C ILE A 107 9.93 -14.79 -6.81
N ALA A 108 10.79 -15.40 -6.00
CA ALA A 108 11.72 -14.64 -5.17
C ALA A 108 13.05 -15.37 -5.13
N GLN A 109 14.12 -14.59 -5.15
CA GLN A 109 15.48 -15.07 -4.98
C GLN A 109 16.20 -14.12 -4.03
N ASN A 110 17.23 -14.67 -3.38
CA ASN A 110 18.13 -13.84 -2.59
C ASN A 110 18.69 -12.74 -3.46
N GLY A 111 19.00 -11.61 -2.84
CA GLY A 111 19.48 -10.47 -3.61
C GLY A 111 20.96 -10.23 -3.46
N GLY A 112 21.33 -9.08 -2.90
CA GLY A 112 22.72 -8.67 -2.86
C GLY A 112 23.51 -9.29 -1.74
N PHE A 113 24.76 -8.84 -1.63
CA PHE A 113 25.69 -9.36 -0.64
C PHE A 113 25.47 -8.65 0.70
N PHE A 114 25.87 -9.34 1.76
CA PHE A 114 25.72 -8.78 3.09
C PHE A 114 26.85 -9.29 3.98
N ARG A 115 26.95 -8.69 5.17
CA ARG A 115 27.87 -9.13 6.22
C ARG A 115 27.13 -10.05 7.18
N MET A 116 27.57 -11.32 7.25
CA MET A 116 26.85 -12.30 8.05
C MET A 116 26.90 -11.94 9.54
N ASN A 117 28.03 -11.42 10.00
CA ASN A 117 28.19 -11.15 11.42
C ASN A 117 27.35 -9.98 11.90
N THR A 118 27.11 -8.99 11.04
CA THR A 118 26.40 -7.78 11.42
C THR A 118 25.04 -7.63 10.76
N GLY A 119 24.84 -8.25 9.60
CA GLY A 119 23.63 -8.01 8.86
C GLY A 119 23.62 -6.73 8.05
N GLU A 120 24.78 -6.13 7.81
CA GLU A 120 24.83 -4.91 7.03
C GLU A 120 24.56 -5.22 5.55
N CYS A 121 23.58 -4.51 4.97
CA CYS A 121 23.35 -4.48 3.53
C CYS A 121 24.53 -3.81 2.84
N LEU A 122 25.02 -4.42 1.75
CA LEU A 122 26.18 -3.94 1.03
C LEU A 122 25.80 -3.45 -0.37
N GLY A 123 26.36 -2.30 -0.74
CA GLY A 123 26.12 -1.74 -2.06
C GLY A 123 24.89 -0.86 -2.10
N ASN A 124 24.71 -0.19 -3.23
CA ASN A 124 23.54 0.63 -3.45
C ASN A 124 22.31 -0.25 -3.49
N VAL A 125 21.26 0.18 -2.79
CA VAL A 125 19.96 -0.49 -2.83
C VAL A 125 18.89 0.59 -2.90
N VAL A 126 17.97 0.44 -3.87
CA VAL A 126 16.73 1.20 -3.92
C VAL A 126 15.58 0.20 -3.98
N SER A 127 14.64 0.32 -3.05
CA SER A 127 13.55 -0.63 -2.87
C SER A 127 12.25 0.15 -3.04
N ASP A 128 11.55 -0.10 -4.15
CA ASP A 128 10.29 0.60 -4.47
C ASP A 128 10.44 2.11 -4.30
N GLY A 129 11.55 2.64 -4.80
CA GLY A 129 11.81 4.05 -4.76
C GLY A 129 12.60 4.51 -3.56
N ARG A 130 12.76 3.67 -2.54
CA ARG A 130 13.38 4.06 -1.27
C ARG A 130 14.85 3.67 -1.28
N ARG A 131 15.74 4.65 -1.16
CA ARG A 131 17.17 4.37 -1.05
C ARG A 131 17.50 3.96 0.37
N VAL A 132 18.03 2.74 0.55
CA VAL A 132 18.25 2.16 1.87
C VAL A 132 19.66 1.63 2.04
N SER A 133 20.50 1.67 1.01
CA SER A 133 21.89 1.31 1.20
C SER A 133 22.75 2.10 0.22
N SER A 134 23.98 2.36 0.64
CA SER A 134 24.94 3.13 -0.14
C SER A 134 26.11 2.27 -0.60
N SER A 135 26.77 2.72 -1.67
CA SER A 135 27.96 2.04 -2.17
C SER A 135 29.19 2.27 -1.30
N GLY A 136 29.22 3.33 -0.51
CA GLY A 136 30.40 3.65 0.28
C GLY A 136 31.62 3.94 -0.56
N GLY A 137 31.43 4.41 -1.79
CA GLY A 137 32.53 4.72 -2.67
C GLY A 137 33.03 3.57 -3.53
N LEU A 138 32.57 2.35 -3.28
CA LEU A 138 33.03 1.19 -4.03
C LEU A 138 32.35 1.14 -5.40
N GLN A 139 33.01 0.47 -6.33
CA GLN A 139 32.50 0.27 -7.68
C GLN A 139 32.12 -1.21 -7.86
N ASN A 140 30.82 -1.48 -8.01
CA ASN A 140 30.35 -2.83 -8.24
C ASN A 140 29.24 -2.86 -9.28
N ALA A 141 29.09 -4.02 -9.90
CA ALA A 141 28.04 -4.22 -10.87
C ALA A 141 26.68 -3.92 -10.25
N GLN A 142 25.83 -3.22 -10.99
CA GLN A 142 24.52 -2.87 -10.49
C GLN A 142 23.46 -3.17 -11.55
N PHE A 143 22.24 -3.33 -11.07
CA PHE A 143 21.10 -3.60 -11.92
C PHE A 143 19.90 -2.87 -11.31
N GLY A 144 19.19 -2.09 -12.13
CA GLY A 144 18.09 -1.29 -11.65
C GLY A 144 17.16 -0.90 -12.78
N ILE A 145 16.01 -0.35 -12.41
CA ILE A 145 15.04 0.15 -13.36
C ILE A 145 14.62 1.54 -12.92
N ARG A 146 14.55 2.47 -13.88
CA ARG A 146 14.14 3.84 -13.58
C ARG A 146 12.62 3.99 -13.73
N ARG A 147 12.12 5.17 -13.35
CA ARG A 147 10.67 5.36 -13.26
C ARG A 147 10.01 5.25 -14.63
N ASP A 148 10.68 5.63 -15.70
CA ASP A 148 10.08 5.48 -17.02
C ASP A 148 10.17 4.07 -17.57
N GLY A 149 10.85 3.16 -16.88
CA GLY A 149 10.98 1.81 -17.37
C GLY A 149 12.34 1.46 -17.92
N THR A 150 13.28 2.41 -17.97
CA THR A 150 14.62 2.14 -18.52
C THR A 150 15.35 1.14 -17.63
N LEU A 151 15.81 0.05 -18.21
CA LEU A 151 16.60 -0.94 -17.49
C LEU A 151 18.06 -0.51 -17.54
N VAL A 152 18.74 -0.52 -16.39
CA VAL A 152 20.11 -0.05 -16.32
C VAL A 152 20.98 -1.14 -15.71
N THR A 153 22.12 -1.42 -16.35
CA THR A 153 23.07 -2.39 -15.83
C THR A 153 24.48 -1.84 -15.97
N GLY A 154 25.32 -2.13 -14.98
CA GLY A 154 26.73 -1.80 -15.07
C GLY A 154 27.25 -0.99 -13.91
N TYR A 155 28.16 -0.08 -14.17
CA TYR A 155 28.79 0.70 -13.11
C TYR A 155 28.18 2.10 -13.12
N LEU A 156 27.79 2.58 -11.96
CA LEU A 156 27.09 3.85 -11.84
C LEU A 156 27.84 4.77 -10.88
N SER A 157 27.91 6.05 -11.24
CA SER A 157 28.44 7.05 -10.34
C SER A 157 27.40 7.43 -9.28
N GLU A 158 27.87 8.04 -8.20
CA GLU A 158 26.97 8.52 -7.17
C GLU A 158 25.94 9.48 -7.75
N GLU A 159 26.37 10.35 -8.67
CA GLU A 159 25.42 11.24 -9.34
C GLU A 159 24.31 10.47 -10.04
N GLU A 160 24.67 9.40 -10.76
CA GLU A 160 23.66 8.65 -11.50
C GLU A 160 22.68 7.94 -10.57
N VAL A 161 23.17 7.48 -9.41
CA VAL A 161 22.30 6.79 -8.45
C VAL A 161 21.32 7.77 -7.83
N LEU A 162 21.76 9.00 -7.58
CA LEU A 162 20.96 10.01 -6.89
C LEU A 162 20.13 10.88 -7.84
N ASP A 163 20.17 10.62 -9.14
CA ASP A 163 19.40 11.42 -10.10
C ASP A 163 17.92 11.44 -9.74
N THR A 164 17.30 12.63 -9.83
CA THR A 164 15.88 12.81 -9.53
C THR A 164 15.01 13.07 -10.75
N GLU A 165 15.59 13.32 -11.92
CA GLU A 165 14.77 13.54 -13.11
C GLU A 165 14.03 12.27 -13.53
N ASN A 166 14.74 11.14 -13.64
CA ASN A 166 14.16 9.84 -13.97
C ASN A 166 14.67 8.86 -12.94
N PRO A 167 14.18 8.94 -11.71
CA PRO A 167 14.86 8.27 -10.61
C PRO A 167 14.70 6.76 -10.65
N PHE A 168 15.66 6.09 -10.04
CA PHE A 168 15.56 4.65 -9.86
C PHE A 168 14.37 4.33 -8.97
N VAL A 169 13.57 3.34 -9.38
CA VAL A 169 12.57 2.75 -8.50
C VAL A 169 13.00 1.39 -7.96
N GLN A 170 13.87 0.68 -8.65
CA GLN A 170 14.50 -0.52 -8.10
C GLN A 170 15.96 -0.49 -8.46
N LEU A 171 16.82 -0.88 -7.52
CA LEU A 171 18.25 -0.93 -7.74
C LEU A 171 18.91 -1.84 -6.71
N LEU A 172 19.85 -2.67 -7.17
CA LEU A 172 20.69 -3.41 -6.24
C LEU A 172 22.01 -3.69 -6.90
N SER A 173 22.98 -4.05 -6.07
CA SER A 173 24.36 -4.24 -6.51
C SER A 173 24.76 -5.69 -6.26
N GLY A 174 25.61 -6.22 -7.12
CA GLY A 174 26.20 -7.52 -6.97
C GLY A 174 27.72 -7.44 -7.03
N VAL A 175 28.33 -8.54 -7.42
CA VAL A 175 29.78 -8.65 -7.57
C VAL A 175 30.04 -9.39 -8.88
N VAL A 176 30.48 -8.64 -9.90
CA VAL A 176 30.84 -9.08 -11.25
C VAL A 176 29.71 -8.82 -12.24
N TRP A 177 30.05 -8.07 -13.29
CA TRP A 177 29.15 -7.78 -14.41
C TRP A 177 29.34 -8.91 -15.44
N LEU A 178 28.36 -9.80 -15.50
CA LEU A 178 28.55 -11.06 -16.20
C LEU A 178 28.48 -10.87 -17.71
N ILE A 179 27.47 -10.15 -18.18
CA ILE A 179 27.19 -9.97 -19.59
C ILE A 179 26.92 -8.49 -19.83
N ARG A 180 27.64 -7.89 -20.80
CA ARG A 180 27.45 -6.50 -21.19
C ARG A 180 27.09 -6.44 -22.67
N ASN A 181 25.87 -5.99 -22.98
CA ASN A 181 25.44 -5.81 -24.37
C ASN A 181 25.73 -7.06 -25.22
N GLY A 182 25.47 -8.23 -24.65
CA GLY A 182 25.57 -9.48 -25.39
C GLY A 182 26.94 -10.12 -25.41
N SER A 183 27.91 -9.61 -24.67
CA SER A 183 29.22 -10.25 -24.58
C SER A 183 29.59 -10.47 -23.12
N ILE A 184 30.26 -11.59 -22.84
CA ILE A 184 30.74 -11.84 -21.49
C ILE A 184 31.67 -10.71 -21.08
N TYR A 185 31.61 -10.33 -19.80
CA TYR A 185 32.31 -9.14 -19.33
C TYR A 185 33.02 -9.42 -18.01
N ILE A 186 33.25 -10.70 -17.70
CA ILE A 186 33.85 -11.08 -16.43
C ILE A 186 35.29 -10.61 -16.35
N ASN A 187 36.04 -10.72 -17.46
CA ASN A 187 37.44 -10.30 -17.45
C ASN A 187 37.53 -8.81 -17.16
N GLU A 188 36.67 -8.03 -17.81
CA GLU A 188 36.64 -6.60 -17.57
C GLU A 188 36.22 -6.29 -16.15
N SER A 189 35.21 -7.04 -15.64
CA SER A 189 34.77 -6.84 -14.26
C SER A 189 35.91 -7.11 -13.27
N GLN A 190 36.62 -8.23 -13.46
CA GLN A 190 37.77 -8.51 -12.62
C GLN A 190 38.80 -7.39 -12.69
N ALA A 191 38.85 -6.67 -13.81
CA ALA A 191 39.86 -5.63 -13.99
C ALA A 191 39.49 -4.35 -13.26
N THR A 192 38.20 -4.11 -13.03
CA THR A 192 37.75 -2.79 -12.58
C THR A 192 36.98 -2.81 -11.28
N GLU A 193 36.23 -3.87 -10.98
CA GLU A 193 35.33 -3.83 -9.83
C GLU A 193 36.11 -3.87 -8.53
N SER A 194 35.61 -3.14 -7.53
CA SER A 194 36.16 -3.24 -6.19
C SER A 194 36.04 -4.69 -5.70
N ASP A 195 36.94 -5.07 -4.80
CA ASP A 195 36.96 -6.40 -4.23
C ASP A 195 36.99 -6.28 -2.70
N GLU A 196 35.88 -5.79 -2.13
CA GLU A 196 35.76 -5.65 -0.69
C GLU A 196 34.39 -6.11 -0.20
N THR A 197 33.60 -6.78 -1.04
CA THR A 197 32.23 -7.12 -0.68
C THR A 197 32.06 -8.62 -0.47
N GLN A 198 32.52 -9.43 -1.40
CA GLN A 198 32.36 -10.87 -1.30
C GLN A 198 33.37 -11.45 -0.32
N GLU A 199 32.95 -12.48 0.41
CA GLU A 199 33.76 -13.09 1.45
C GLU A 199 34.19 -14.51 1.10
N THR A 200 34.09 -14.88 -0.17
CA THR A 200 34.51 -16.22 -0.57
C THR A 200 36.02 -16.36 -0.49
N GLY A 201 36.76 -15.31 -0.81
CA GLY A 201 38.20 -15.34 -0.74
C GLY A 201 38.77 -14.37 -1.78
N SER A 202 39.84 -14.80 -2.45
CA SER A 202 40.43 -14.00 -3.50
C SER A 202 39.44 -13.81 -4.64
N PHE A 203 39.66 -12.75 -5.43
CA PHE A 203 38.80 -12.48 -6.58
C PHE A 203 38.80 -13.66 -7.53
N SER A 204 39.97 -14.24 -7.79
CA SER A 204 40.05 -15.34 -8.75
C SER A 204 39.20 -16.52 -8.30
N LYS A 205 39.26 -16.86 -7.02
CA LYS A 205 38.47 -17.98 -6.52
C LYS A 205 36.98 -17.70 -6.67
N PHE A 206 36.54 -16.51 -6.27
CA PHE A 206 35.12 -16.18 -6.36
C PHE A 206 34.62 -16.36 -7.79
N VAL A 207 35.43 -16.00 -8.78
CA VAL A 207 35.00 -16.09 -10.16
C VAL A 207 34.99 -17.54 -10.63
N ASN A 208 36.04 -18.28 -10.32
CA ASN A 208 36.28 -19.56 -10.97
C ASN A 208 35.86 -20.76 -10.15
N VAL A 209 35.61 -20.58 -8.86
CA VAL A 209 35.22 -21.71 -8.02
C VAL A 209 33.81 -22.20 -8.38
N MET A 210 33.61 -23.49 -8.24
CA MET A 210 32.28 -24.10 -8.33
C MET A 210 31.46 -23.76 -7.09
N SER A 211 30.19 -23.39 -7.28
CA SER A 211 29.32 -23.05 -6.15
C SER A 211 27.86 -22.89 -6.62
N ALA A 212 26.97 -22.72 -5.64
CA ALA A 212 25.63 -22.23 -5.95
C ALA A 212 25.76 -20.79 -6.43
N ARG A 213 24.98 -20.43 -7.46
CA ARG A 213 25.07 -19.10 -8.06
C ARG A 213 23.67 -18.55 -8.36
N THR A 214 23.59 -17.22 -8.40
CA THR A 214 22.36 -16.56 -8.83
C THR A 214 22.74 -15.36 -9.67
N ALA A 215 21.83 -14.94 -10.55
CA ALA A 215 22.06 -13.81 -11.43
C ALA A 215 20.76 -13.13 -11.76
N ILE A 216 20.84 -11.83 -12.04
CA ILE A 216 19.71 -11.05 -12.52
C ILE A 216 20.13 -10.33 -13.80
N GLY A 217 19.22 -10.24 -14.75
CA GLY A 217 19.48 -9.50 -15.97
C GLY A 217 18.21 -9.27 -16.77
N HIS A 218 18.38 -9.06 -18.06
CA HIS A 218 17.22 -8.83 -18.92
C HIS A 218 17.59 -9.26 -20.33
N ASP A 219 16.55 -9.55 -21.12
CA ASP A 219 16.70 -9.93 -22.52
C ASP A 219 16.41 -8.71 -23.41
N ARG A 220 16.52 -8.89 -24.72
CA ARG A 220 16.37 -7.78 -25.64
C ARG A 220 14.91 -7.33 -25.80
N ASP A 221 13.95 -8.15 -25.40
CA ASP A 221 12.57 -7.70 -25.29
C ASP A 221 12.28 -6.94 -23.98
N GLY A 222 13.30 -6.55 -23.24
CA GLY A 222 13.04 -5.81 -22.02
C GLY A 222 12.49 -6.62 -20.87
N GLN A 223 12.51 -7.94 -20.96
CA GLN A 223 11.98 -8.78 -19.92
C GLN A 223 13.05 -9.07 -18.88
N LEU A 224 12.64 -9.16 -17.63
CA LEU A 224 13.55 -9.51 -16.54
C LEU A 224 13.90 -10.99 -16.58
N VAL A 225 15.18 -11.30 -16.34
CA VAL A 225 15.64 -12.67 -16.27
C VAL A 225 16.25 -12.89 -14.90
N LEU A 226 15.82 -13.97 -14.24
CA LEU A 226 16.37 -14.40 -12.97
C LEU A 226 16.91 -15.81 -13.16
N PHE A 227 18.08 -16.08 -12.62
CA PHE A 227 18.70 -17.38 -12.78
C PHE A 227 19.24 -17.84 -11.44
N HIS A 228 19.12 -19.14 -11.16
CA HIS A 228 19.85 -19.71 -10.03
C HIS A 228 20.23 -21.15 -10.33
N ALA A 229 21.35 -21.57 -9.76
CA ALA A 229 21.84 -22.94 -9.86
C ALA A 229 22.19 -23.42 -8.46
N ASP A 230 21.73 -24.64 -8.13
CA ASP A 230 22.04 -25.26 -6.85
C ASP A 230 23.50 -25.68 -6.82
N GLY A 231 24.12 -25.61 -5.65
CA GLY A 231 25.50 -26.04 -5.55
C GLY A 231 26.00 -25.89 -4.14
N GLN A 232 27.31 -25.96 -4.02
CA GLN A 232 27.99 -25.79 -2.75
C GLN A 232 29.44 -25.44 -3.05
N THR A 233 29.91 -24.34 -2.48
CA THR A 233 31.24 -23.83 -2.81
C THR A 233 32.28 -24.93 -2.73
N GLU A 234 33.04 -25.08 -3.82
CA GLU A 234 34.12 -26.05 -3.98
C GLU A 234 33.63 -27.49 -4.03
N GLN A 235 32.32 -27.72 -4.06
CA GLN A 235 31.82 -29.09 -4.16
C GLN A 235 30.92 -29.32 -5.37
N ARG A 236 29.97 -28.43 -5.60
CA ARG A 236 28.95 -28.64 -6.61
C ARG A 236 28.55 -27.27 -7.12
N GLY A 237 28.05 -27.24 -8.35
CA GLY A 237 27.55 -26.01 -8.91
C GLY A 237 28.34 -25.60 -10.12
N ILE A 238 28.39 -24.29 -10.35
CA ILE A 238 29.05 -23.72 -11.51
C ILE A 238 29.88 -22.52 -11.05
N ASN A 239 30.72 -22.03 -11.95
CA ASN A 239 31.49 -20.80 -11.76
C ASN A 239 30.85 -19.72 -12.63
N LEU A 240 31.42 -18.50 -12.57
CA LEU A 240 30.77 -17.39 -13.24
C LEU A 240 30.90 -17.49 -14.76
N TRP A 241 32.00 -18.05 -15.27
CA TRP A 241 32.12 -18.25 -16.72
C TRP A 241 31.04 -19.18 -17.24
N GLU A 242 30.75 -20.25 -16.50
CA GLU A 242 29.74 -21.22 -16.93
C GLU A 242 28.35 -20.61 -16.89
N MET A 243 28.04 -19.87 -15.83
CA MET A 243 26.74 -19.24 -15.75
C MET A 243 26.56 -18.22 -16.86
N ALA A 244 27.62 -17.43 -17.12
CA ALA A 244 27.55 -16.41 -18.17
C ALA A 244 27.30 -17.04 -19.54
N GLU A 245 27.99 -18.14 -19.85
CA GLU A 245 27.74 -18.82 -21.11
C GLU A 245 26.32 -19.35 -21.20
N PHE A 246 25.81 -19.91 -20.11
CA PHE A 246 24.42 -20.39 -20.10
C PHE A 246 23.44 -19.26 -20.40
N LEU A 247 23.65 -18.08 -19.81
CA LEU A 247 22.68 -16.99 -19.95
C LEU A 247 22.69 -16.41 -21.36
N LEU A 248 23.87 -16.33 -21.98
CA LEU A 248 23.93 -15.88 -23.36
C LEU A 248 23.06 -16.73 -24.28
N ARG A 249 23.08 -18.06 -24.11
CA ARG A 249 22.27 -18.94 -24.95
C ARG A 249 20.77 -18.74 -24.71
N GLN A 250 20.38 -18.07 -23.64
CA GLN A 250 18.97 -17.82 -23.37
C GLN A 250 18.53 -16.43 -23.80
N GLY A 251 19.43 -15.66 -24.43
CA GLY A 251 19.06 -14.34 -24.90
C GLY A 251 19.28 -13.22 -23.92
N VAL A 252 20.10 -13.43 -22.90
CA VAL A 252 20.39 -12.40 -21.92
C VAL A 252 21.40 -11.43 -22.54
N VAL A 253 21.06 -10.15 -22.58
CA VAL A 253 21.94 -9.13 -23.14
C VAL A 253 22.71 -8.34 -22.08
N ASN A 254 22.20 -8.29 -20.85
CA ASN A 254 22.93 -7.72 -19.73
C ASN A 254 22.57 -8.50 -18.47
N ALA A 255 23.56 -8.73 -17.61
CA ALA A 255 23.30 -9.42 -16.37
C ALA A 255 24.46 -9.22 -15.41
N ILE A 256 24.13 -9.24 -14.13
CA ILE A 256 25.14 -9.17 -13.08
C ILE A 256 24.98 -10.36 -12.15
N ASN A 257 26.05 -10.65 -11.41
CA ASN A 257 26.11 -11.78 -10.52
C ASN A 257 25.67 -11.36 -9.12
N LEU A 258 24.69 -12.06 -8.57
CA LEU A 258 24.21 -11.79 -7.24
C LEU A 258 24.83 -12.78 -6.25
N ASP A 259 24.42 -12.67 -4.99
CA ASP A 259 24.98 -13.49 -3.91
C ASP A 259 24.74 -14.97 -4.18
N GLY A 260 25.82 -15.76 -4.11
CA GLY A 260 25.69 -17.20 -4.27
C GLY A 260 26.01 -18.00 -3.02
N GLY A 261 26.63 -19.16 -3.18
CA GLY A 261 26.93 -19.94 -1.99
C GLY A 261 25.68 -20.33 -1.21
N GLY A 262 25.81 -20.38 0.11
CA GLY A 262 24.69 -20.71 0.97
C GLY A 262 23.54 -19.73 0.87
N SER A 263 23.81 -18.48 0.46
CA SER A 263 22.75 -17.49 0.30
C SER A 263 21.76 -17.86 -0.81
N ALA A 264 22.21 -18.59 -1.83
CA ALA A 264 21.37 -18.87 -2.99
C ALA A 264 20.08 -19.56 -2.59
N THR A 265 18.95 -18.97 -2.97
CA THR A 265 17.65 -19.48 -2.59
C THR A 265 16.66 -19.17 -3.70
N PHE A 266 15.77 -20.12 -3.98
CA PHE A 266 14.72 -19.91 -4.97
C PHE A 266 13.37 -20.27 -4.37
N VAL A 267 12.47 -19.29 -4.38
CA VAL A 267 11.19 -19.41 -3.69
C VAL A 267 10.08 -19.09 -4.69
N LEU A 268 9.14 -20.01 -4.82
CA LEU A 268 8.09 -19.97 -5.82
C LEU A 268 6.76 -19.96 -5.09
N ASN A 269 5.98 -18.91 -5.28
CA ASN A 269 4.69 -18.75 -4.60
C ASN A 269 4.85 -18.91 -3.09
N GLY A 270 5.97 -18.42 -2.55
CA GLY A 270 6.23 -18.47 -1.15
C GLY A 270 6.81 -19.76 -0.64
N THR A 271 7.01 -20.75 -1.51
CA THR A 271 7.52 -22.05 -1.08
C THR A 271 8.94 -22.28 -1.62
N LEU A 272 9.83 -22.67 -0.73
CA LEU A 272 11.19 -23.02 -1.13
C LEU A 272 11.18 -24.12 -2.16
N ALA A 273 11.89 -23.90 -3.27
CA ALA A 273 11.93 -24.81 -4.39
C ALA A 273 13.35 -25.05 -4.88
N SER A 274 14.33 -24.95 -3.99
CA SER A 274 15.71 -25.20 -4.32
C SER A 274 16.33 -25.98 -3.17
N TYR A 275 17.62 -26.30 -3.30
CA TYR A 275 18.36 -27.06 -2.30
C TYR A 275 19.50 -26.21 -1.71
N PRO A 276 19.28 -25.53 -0.59
CA PRO A 276 20.34 -24.69 -0.02
C PRO A 276 21.50 -25.55 0.46
N SER A 277 22.68 -24.94 0.52
CA SER A 277 23.89 -25.66 0.90
C SER A 277 24.18 -25.60 2.39
N ASP A 278 23.67 -24.60 3.11
CA ASP A 278 23.89 -24.54 4.55
C ASP A 278 23.18 -25.71 5.24
N HIS A 279 23.83 -26.29 6.25
CA HIS A 279 23.18 -27.26 7.11
C HIS A 279 22.40 -26.55 8.22
N CYS A 280 21.33 -27.20 8.66
CA CYS A 280 20.64 -26.77 9.87
C CYS A 280 21.51 -27.05 11.10
N GLN A 281 21.13 -26.44 12.21
CA GLN A 281 21.88 -26.59 13.46
C GLN A 281 21.88 -28.04 13.94
N ASP A 282 23.05 -28.68 13.88
CA ASP A 282 23.30 -29.95 14.56
C ASP A 282 22.50 -31.09 13.94
N ASN A 283 22.38 -31.09 12.61
CA ASN A 283 21.79 -32.23 11.92
C ASN A 283 22.24 -32.20 10.47
N MET A 284 21.91 -33.26 9.75
CA MET A 284 22.39 -33.45 8.39
C MET A 284 21.52 -32.75 7.35
N TRP A 285 20.43 -32.10 7.76
CA TRP A 285 19.51 -31.52 6.81
C TRP A 285 20.02 -30.14 6.39
N ARG A 286 19.51 -29.67 5.25
CA ARG A 286 19.85 -28.37 4.68
C ARG A 286 18.81 -27.32 5.04
N CYS A 287 19.26 -26.09 5.22
CA CYS A 287 18.40 -25.03 5.70
C CYS A 287 18.65 -23.76 4.89
N PRO A 288 17.59 -23.06 4.51
CA PRO A 288 17.79 -21.76 3.84
C PRO A 288 18.50 -20.79 4.75
N ARG A 289 19.31 -19.91 4.17
CA ARG A 289 20.05 -18.94 4.94
C ARG A 289 19.22 -17.67 5.16
N ARG A 290 19.37 -17.06 6.34
CA ARG A 290 18.85 -15.72 6.59
C ARG A 290 19.73 -14.71 5.84
N VAL A 291 19.14 -14.06 4.84
CA VAL A 291 19.93 -13.20 3.95
C VAL A 291 19.46 -11.77 4.12
N SER A 292 19.81 -10.91 3.16
CA SER A 292 19.52 -9.48 3.23
C SER A 292 18.46 -9.12 2.20
N THR A 293 18.79 -8.28 1.21
CA THR A 293 17.80 -7.89 0.22
C THR A 293 17.36 -9.09 -0.62
N VAL A 294 16.17 -8.97 -1.18
CA VAL A 294 15.54 -10.01 -1.98
C VAL A 294 15.09 -9.39 -3.30
N VAL A 295 15.16 -10.20 -4.36
CA VAL A 295 14.64 -9.82 -5.66
C VAL A 295 13.34 -10.61 -5.86
N CYS A 296 12.29 -9.88 -6.28
CA CYS A 296 10.91 -10.33 -6.22
C CYS A 296 10.22 -10.05 -7.55
N VAL A 297 9.50 -11.04 -8.07
CA VAL A 297 8.58 -10.86 -9.19
C VAL A 297 7.17 -11.06 -8.65
N HIS A 298 6.32 -10.05 -8.76
CA HIS A 298 5.00 -10.09 -8.15
C HIS A 298 3.94 -9.66 -9.16
N GLU A 299 2.69 -9.65 -8.73
CA GLU A 299 1.62 -9.21 -9.60
C GLU A 299 1.72 -7.70 -9.85
N PRO A 300 1.35 -7.24 -11.05
CA PRO A 300 1.47 -5.80 -11.35
C PRO A 300 0.56 -4.92 -10.47
N LEU B 32 25.34 20.10 14.20
CA LEU B 32 24.91 21.08 15.19
C LEU B 32 24.24 22.27 14.50
N LYS B 33 24.06 22.19 13.18
CA LYS B 33 23.26 23.14 12.44
C LYS B 33 21.80 22.72 12.33
N HIS B 34 21.38 21.76 13.15
CA HIS B 34 20.00 21.28 13.14
C HIS B 34 19.68 20.81 14.56
N GLU B 35 18.42 20.51 14.79
CA GLU B 35 17.93 20.06 16.08
C GLU B 35 17.25 18.72 15.89
N ASN B 36 17.53 17.78 16.79
CA ASN B 36 16.93 16.46 16.78
C ASN B 36 16.01 16.35 18.00
N TRP B 37 14.78 15.93 17.79
CA TRP B 37 13.84 15.73 18.90
C TRP B 37 13.53 14.24 18.99
N PRO B 38 13.95 13.54 20.05
CA PRO B 38 13.70 12.10 20.12
C PRO B 38 12.23 11.81 20.29
N PRO B 39 11.74 10.66 19.82
CA PRO B 39 10.32 10.34 19.97
C PRO B 39 9.98 10.00 21.41
N PRO B 40 8.72 10.13 21.79
CA PRO B 40 8.29 9.68 23.12
C PRO B 40 7.56 8.36 23.02
N PRO B 41 7.46 7.61 24.14
CA PRO B 41 6.64 6.40 24.15
C PRO B 41 5.19 6.66 24.54
N GLY B 47 -5.24 11.46 21.12
CA GLY B 47 -6.20 10.80 20.24
C GLY B 47 -6.02 11.16 18.78
N PRO B 48 -7.09 11.62 18.13
CA PRO B 48 -6.97 12.05 16.73
C PRO B 48 -6.35 13.43 16.65
N PRO B 49 -6.07 13.93 15.44
CA PRO B 49 -5.47 15.26 15.34
C PRO B 49 -6.39 16.35 15.86
N ALA B 50 -5.81 17.35 16.50
CA ALA B 50 -6.57 18.48 16.99
C ALA B 50 -6.44 19.65 16.03
N VAL B 51 -7.57 20.07 15.48
CA VAL B 51 -7.63 21.19 14.55
C VAL B 51 -8.29 22.37 15.26
N ARG B 52 -7.59 23.50 15.31
CA ARG B 52 -8.06 24.69 15.99
C ARG B 52 -8.19 25.84 15.00
N THR B 53 -9.35 26.49 15.01
CA THR B 53 -9.64 27.64 14.17
C THR B 53 -9.42 28.93 14.96
N PHE B 54 -8.77 29.90 14.33
CA PHE B 54 -8.51 31.17 14.98
C PHE B 54 -8.85 32.33 14.06
N VAL B 55 -9.32 33.39 14.70
CA VAL B 55 -9.37 34.72 14.10
C VAL B 55 -8.61 35.56 15.11
N SER B 56 -7.37 35.93 14.79
CA SER B 56 -6.47 36.54 15.76
C SER B 56 -6.01 37.89 15.24
N HIS B 57 -5.65 38.79 16.16
CA HIS B 57 -5.31 40.15 15.79
C HIS B 57 -3.81 40.35 15.85
N PHE B 58 -3.25 40.87 14.77
CA PHE B 58 -1.84 41.20 14.67
C PHE B 58 -1.79 42.67 14.29
N GLY B 59 -1.38 43.52 15.21
CA GLY B 59 -1.39 44.94 14.94
C GLY B 59 -2.77 45.46 14.56
N GLY B 60 -3.81 44.91 15.19
CA GLY B 60 -5.16 45.31 14.89
C GLY B 60 -5.77 44.65 13.67
N ARG B 61 -4.97 43.99 12.85
CA ARG B 61 -5.49 43.28 11.69
C ARG B 61 -6.06 41.94 12.13
N ALA B 62 -7.29 41.66 11.72
CA ALA B 62 -7.90 40.36 11.99
C ALA B 62 -7.41 39.36 10.95
N VAL B 63 -6.74 38.30 11.39
CA VAL B 63 -6.19 37.29 10.50
C VAL B 63 -6.82 35.95 10.87
N SER B 64 -7.35 35.24 9.88
CA SER B 64 -7.94 33.92 10.12
C SER B 64 -7.01 32.80 9.69
N GLY B 65 -7.23 31.62 10.27
CA GLY B 65 -6.40 30.48 9.95
C GLY B 65 -6.67 29.33 10.89
N HIS B 66 -5.78 28.33 10.82
CA HIS B 66 -5.91 27.09 11.57
C HIS B 66 -4.56 26.70 12.13
N LEU B 67 -4.59 26.11 13.33
CA LEU B 67 -3.45 25.45 13.94
C LEU B 67 -3.81 23.98 14.12
N THR B 68 -2.97 23.10 13.60
CA THR B 68 -3.18 21.66 13.69
C THR B 68 -2.07 21.01 14.51
N ARG B 69 -2.46 20.15 15.46
CA ARG B 69 -1.53 19.42 16.30
C ARG B 69 -1.80 17.94 16.15
N ALA B 70 -0.76 17.17 15.81
CA ALA B 70 -0.94 15.74 15.56
C ALA B 70 0.17 14.93 16.21
N ALA B 71 -0.24 13.93 16.99
CA ALA B 71 0.72 13.07 17.65
C ALA B 71 1.16 11.92 16.76
N ALA B 72 2.30 11.32 17.11
CA ALA B 72 2.85 10.17 16.41
C ALA B 72 3.05 10.45 14.92
N PRO B 73 3.78 11.51 14.57
CA PRO B 73 3.99 11.82 13.14
C PRO B 73 4.70 10.72 12.36
N LEU B 74 5.50 9.87 13.01
CA LEU B 74 6.11 8.77 12.27
C LEU B 74 5.05 7.91 11.57
N ARG B 75 3.86 7.80 12.16
CA ARG B 75 2.81 6.99 11.58
C ARG B 75 1.75 7.80 10.83
N THR B 76 1.64 9.09 11.12
CA THR B 76 0.53 9.89 10.60
C THR B 76 0.96 10.99 9.65
N PHE B 77 2.25 11.31 9.56
CA PHE B 77 2.73 12.46 8.80
C PHE B 77 3.38 11.97 7.53
N SER B 78 2.99 12.58 6.40
CA SER B 78 3.57 12.23 5.11
C SER B 78 3.81 13.49 4.28
N VAL B 79 4.91 13.49 3.54
CA VAL B 79 5.18 14.45 2.48
C VAL B 79 4.80 13.79 1.17
N LEU B 80 3.95 14.45 0.39
CA LEU B 80 3.41 13.88 -0.85
C LEU B 80 3.86 14.68 -2.06
N GLU B 81 4.11 13.96 -3.15
CA GLU B 81 4.39 14.57 -4.43
C GLU B 81 3.09 15.00 -5.09
N PRO B 82 3.14 16.01 -5.96
CA PRO B 82 1.89 16.51 -6.57
C PRO B 82 1.26 15.45 -7.45
N GLY B 83 -0.03 15.22 -7.23
CA GLY B 83 -0.80 14.31 -8.04
C GLY B 83 -0.42 12.86 -7.93
N GLY B 84 0.35 12.47 -6.91
CA GLY B 84 0.67 11.09 -6.70
C GLY B 84 2.15 10.81 -6.87
N PRO B 85 2.57 9.61 -6.48
CA PRO B 85 4.00 9.27 -6.56
C PRO B 85 4.53 9.48 -7.98
N GLY B 86 5.75 10.00 -8.05
CA GLY B 86 6.34 10.40 -9.31
C GLY B 86 6.08 11.84 -9.70
N GLY B 87 5.29 12.58 -8.92
CA GLY B 87 4.88 13.91 -9.33
C GLY B 87 6.06 14.85 -9.56
N CYS B 88 7.05 14.80 -8.67
CA CYS B 88 8.18 15.72 -8.80
C CYS B 88 9.02 15.40 -10.03
N SER B 89 9.20 14.10 -10.31
CA SER B 89 9.96 13.70 -11.49
C SER B 89 9.33 14.25 -12.76
N GLN B 90 8.00 14.28 -12.81
CA GLN B 90 7.29 14.77 -13.98
C GLN B 90 6.94 16.25 -13.89
N LYS B 91 7.41 16.94 -12.84
CA LYS B 91 7.14 18.35 -12.65
C LYS B 91 5.64 18.63 -12.70
N ARG B 92 4.88 17.80 -12.01
CA ARG B 92 3.44 17.91 -11.94
C ARG B 92 3.02 19.04 -10.98
N ARG B 93 2.02 19.81 -11.40
CA ARG B 93 1.37 20.82 -10.57
C ARG B 93 -0.06 20.39 -10.32
N ALA B 94 -0.46 20.33 -9.04
CA ALA B 94 -1.82 19.93 -8.69
C ALA B 94 -2.24 20.61 -7.39
N THR B 95 -3.54 20.87 -7.27
CA THR B 95 -4.03 21.48 -6.05
C THR B 95 -3.87 20.51 -4.86
N VAL B 96 -3.81 21.10 -3.67
CA VAL B 96 -3.70 20.27 -2.47
C VAL B 96 -4.84 19.28 -2.42
N GLU B 97 -6.06 19.72 -2.76
CA GLU B 97 -7.21 18.81 -2.68
C GLU B 97 -7.03 17.61 -3.58
N GLU B 98 -6.63 17.84 -4.84
CA GLU B 98 -6.34 16.75 -5.76
C GLU B 98 -5.34 15.78 -5.16
N THR B 99 -4.20 16.30 -4.68
CA THR B 99 -3.18 15.45 -4.08
C THR B 99 -3.67 14.80 -2.80
N ALA B 100 -4.47 15.52 -2.00
CA ALA B 100 -4.86 14.98 -0.70
C ALA B 100 -5.90 13.88 -0.82
N GLN B 101 -6.84 14.01 -1.77
CA GLN B 101 -7.92 13.03 -1.87
C GLN B 101 -7.36 11.65 -2.19
N ALA B 102 -6.40 11.60 -3.12
CA ALA B 102 -5.78 10.35 -3.48
C ALA B 102 -5.11 9.67 -2.28
N ALA B 103 -4.62 10.46 -1.32
CA ALA B 103 -3.93 9.93 -0.16
C ALA B 103 -4.83 9.80 1.07
N ALA B 104 -6.08 10.26 0.99
CA ALA B 104 -7.00 10.14 2.13
C ALA B 104 -6.48 10.93 3.34
N CYS B 105 -6.00 12.14 3.10
CA CYS B 105 -5.49 12.98 4.17
C CYS B 105 -6.62 13.56 5.00
N ARG B 106 -6.50 13.47 6.33
CA ARG B 106 -7.45 14.17 7.20
C ARG B 106 -7.19 15.67 7.22
N ILE B 107 -5.92 16.06 7.27
CA ILE B 107 -5.50 17.46 7.15
C ILE B 107 -4.40 17.50 6.10
N ALA B 108 -4.46 18.46 5.19
CA ALA B 108 -3.41 18.64 4.19
C ALA B 108 -3.20 20.12 3.95
N GLN B 109 -1.93 20.50 3.82
CA GLN B 109 -1.54 21.86 3.45
C GLN B 109 -0.53 21.79 2.32
N ASN B 110 -0.36 22.91 1.63
CA ASN B 110 0.69 23.00 0.63
C ASN B 110 2.04 22.83 1.29
N GLY B 111 2.99 22.30 0.53
CA GLY B 111 4.30 22.00 1.06
C GLY B 111 5.36 23.01 0.67
N GLY B 112 6.41 22.54 0.01
CA GLY B 112 7.53 23.39 -0.32
C GLY B 112 7.30 24.30 -1.50
N PHE B 113 8.39 24.97 -1.87
CA PHE B 113 8.41 25.94 -2.94
C PHE B 113 8.68 25.24 -4.27
N PHE B 114 8.28 25.90 -5.34
CA PHE B 114 8.43 25.29 -6.66
C PHE B 114 8.46 26.42 -7.69
N ARG B 115 8.74 26.03 -8.92
CA ARG B 115 8.73 26.92 -10.07
C ARG B 115 7.39 26.81 -10.79
N MET B 116 6.66 27.92 -10.84
CA MET B 116 5.32 27.91 -11.43
C MET B 116 5.36 27.60 -12.93
N ASN B 117 6.33 28.16 -13.65
CA ASN B 117 6.35 28.01 -15.11
C ASN B 117 6.71 26.59 -15.51
N THR B 118 7.62 25.96 -14.78
CA THR B 118 8.08 24.62 -15.13
C THR B 118 7.47 23.54 -14.26
N GLY B 119 7.10 23.84 -13.02
CA GLY B 119 6.66 22.82 -12.11
C GLY B 119 7.77 22.06 -11.41
N GLU B 120 8.98 22.63 -11.35
CA GLU B 120 10.09 21.99 -10.67
C GLU B 120 9.95 22.05 -9.16
N CYS B 121 10.03 20.89 -8.51
CA CYS B 121 10.14 20.81 -7.05
C CYS B 121 11.51 21.33 -6.62
N LEU B 122 11.53 22.16 -5.58
CA LEU B 122 12.77 22.77 -5.13
C LEU B 122 13.12 22.26 -3.74
N GLY B 123 14.42 22.05 -3.51
CA GLY B 123 14.92 21.58 -2.23
C GLY B 123 14.84 20.08 -2.04
N ASN B 124 15.46 19.61 -0.96
CA ASN B 124 15.34 18.20 -0.57
C ASN B 124 13.89 17.84 -0.30
N VAL B 125 13.50 16.66 -0.77
CA VAL B 125 12.18 16.10 -0.49
C VAL B 125 12.34 14.59 -0.41
N VAL B 126 11.87 14.02 0.69
CA VAL B 126 11.71 12.57 0.82
C VAL B 126 10.23 12.35 1.09
N SER B 127 9.58 11.54 0.24
CA SER B 127 8.16 11.20 0.36
C SER B 127 8.05 9.71 0.65
N ASP B 128 7.62 9.37 1.87
CA ASP B 128 7.48 7.98 2.30
C ASP B 128 8.75 7.18 2.01
N GLY B 129 9.88 7.75 2.41
CA GLY B 129 11.17 7.13 2.20
C GLY B 129 11.75 7.28 0.82
N ARG B 130 11.04 7.91 -0.12
CA ARG B 130 11.49 8.06 -1.50
C ARG B 130 12.10 9.44 -1.71
N ARG B 131 13.38 9.49 -2.03
CA ARG B 131 14.06 10.75 -2.32
C ARG B 131 13.72 11.18 -3.73
N VAL B 132 12.98 12.28 -3.86
CA VAL B 132 12.47 12.73 -5.16
C VAL B 132 12.90 14.15 -5.50
N SER B 133 13.61 14.84 -4.61
CA SER B 133 14.11 16.16 -4.94
C SER B 133 15.40 16.42 -4.19
N SER B 134 16.25 17.27 -4.76
CA SER B 134 17.55 17.57 -4.18
C SER B 134 17.66 19.05 -3.86
N SER B 135 18.65 19.37 -3.02
CA SER B 135 18.89 20.76 -2.63
C SER B 135 19.60 21.55 -3.71
N GLY B 136 20.25 20.86 -4.65
CA GLY B 136 21.00 21.56 -5.66
C GLY B 136 22.22 22.28 -5.15
N GLY B 137 22.71 21.91 -3.96
CA GLY B 137 23.83 22.60 -3.36
C GLY B 137 23.47 23.81 -2.53
N LEU B 138 22.19 24.14 -2.42
CA LEU B 138 21.73 25.29 -1.64
C LEU B 138 21.43 24.88 -0.20
N GLN B 139 21.50 25.87 0.70
CA GLN B 139 21.20 25.68 2.12
C GLN B 139 19.83 26.28 2.40
N ASN B 140 18.87 25.40 2.72
CA ASN B 140 17.49 25.77 3.01
C ASN B 140 17.06 25.20 4.36
N ALA B 141 16.18 25.92 5.06
CA ALA B 141 15.55 25.35 6.25
C ALA B 141 14.79 24.07 5.88
N GLN B 142 14.95 23.03 6.71
CA GLN B 142 14.37 21.73 6.43
C GLN B 142 13.63 21.18 7.65
N PHE B 143 12.74 20.24 7.37
CA PHE B 143 11.98 19.58 8.43
C PHE B 143 11.71 18.16 7.96
N GLY B 144 12.03 17.20 8.81
CA GLY B 144 11.80 15.81 8.44
C GLY B 144 11.74 14.96 9.69
N ILE B 145 11.50 13.68 9.47
CA ILE B 145 11.47 12.70 10.54
C ILE B 145 12.22 11.47 10.05
N ARG B 146 13.04 10.89 10.91
CA ARG B 146 13.80 9.68 10.60
C ARG B 146 13.02 8.42 11.00
N ARG B 147 13.55 7.26 10.62
CA ARG B 147 12.80 6.02 10.78
C ARG B 147 12.54 5.68 12.24
N ASP B 148 13.45 6.01 13.14
CA ASP B 148 13.23 5.77 14.56
C ASP B 148 12.28 6.79 15.18
N GLY B 149 11.79 7.74 14.41
CA GLY B 149 10.88 8.73 14.93
C GLY B 149 11.50 10.05 15.31
N THR B 150 12.82 10.21 15.16
CA THR B 150 13.47 11.47 15.48
C THR B 150 13.02 12.58 14.55
N LEU B 151 12.54 13.67 15.12
CA LEU B 151 12.18 14.85 14.35
C LEU B 151 13.40 15.75 14.17
N VAL B 152 13.70 16.11 12.93
CA VAL B 152 14.90 16.88 12.61
C VAL B 152 14.50 18.18 11.92
N THR B 153 15.06 19.28 12.39
CA THR B 153 14.72 20.59 11.86
C THR B 153 15.99 21.40 11.77
N GLY B 154 16.16 22.11 10.65
CA GLY B 154 17.29 23.00 10.52
C GLY B 154 18.00 22.89 9.19
N TYR B 155 19.32 23.04 9.22
CA TYR B 155 20.15 23.01 8.02
C TYR B 155 20.89 21.69 7.98
N LEU B 156 20.73 20.95 6.89
CA LEU B 156 21.25 19.61 6.77
C LEU B 156 22.23 19.52 5.61
N SER B 157 23.35 18.84 5.86
CA SER B 157 24.35 18.57 4.83
C SER B 157 23.86 17.44 3.93
N GLU B 158 24.50 17.34 2.76
CA GLU B 158 24.19 16.28 1.81
C GLU B 158 24.40 14.91 2.44
N GLU B 159 25.47 14.75 3.22
CA GLU B 159 25.71 13.46 3.87
C GLU B 159 24.60 13.14 4.86
N GLU B 160 24.13 14.16 5.60
CA GLU B 160 23.06 13.95 6.58
C GLU B 160 21.74 13.59 5.91
N VAL B 161 21.45 14.15 4.75
CA VAL B 161 20.21 13.81 4.06
C VAL B 161 20.26 12.38 3.51
N LEU B 162 21.44 11.91 3.13
CA LEU B 162 21.58 10.61 2.48
C LEU B 162 21.89 9.48 3.45
N ASP B 163 21.96 9.78 4.74
CA ASP B 163 22.28 8.75 5.72
C ASP B 163 21.34 7.56 5.59
N THR B 164 21.91 6.36 5.55
CA THR B 164 21.13 5.14 5.46
C THR B 164 21.03 4.39 6.78
N GLU B 165 21.76 4.82 7.80
CA GLU B 165 21.67 4.15 9.10
C GLU B 165 20.31 4.38 9.76
N ASN B 166 19.86 5.63 9.84
CA ASN B 166 18.55 5.97 10.40
C ASN B 166 17.93 6.95 9.42
N PRO B 167 17.44 6.47 8.29
CA PRO B 167 17.20 7.34 7.15
C PRO B 167 15.92 8.15 7.28
N PHE B 168 15.86 9.25 6.52
CA PHE B 168 14.65 10.04 6.49
C PHE B 168 13.52 9.25 5.83
N VAL B 169 12.34 9.30 6.46
CA VAL B 169 11.14 8.76 5.86
C VAL B 169 10.24 9.86 5.33
N GLN B 170 10.30 11.07 5.89
CA GLN B 170 9.66 12.26 5.35
C GLN B 170 10.63 13.42 5.51
N LEU B 171 10.73 14.26 4.48
CA LEU B 171 11.59 15.44 4.56
C LEU B 171 11.16 16.46 3.52
N LEU B 172 11.17 17.73 3.89
CA LEU B 172 10.93 18.75 2.88
C LEU B 172 11.61 20.04 3.32
N SER B 173 11.78 20.94 2.37
CA SER B 173 12.51 22.16 2.61
C SER B 173 11.60 23.37 2.46
N GLY B 174 11.91 24.41 3.20
CA GLY B 174 11.22 25.68 3.06
C GLY B 174 12.19 26.81 2.92
N VAL B 175 11.75 28.03 3.25
CA VAL B 175 12.60 29.22 3.27
C VAL B 175 12.37 29.91 4.61
N VAL B 176 13.40 29.92 5.45
CA VAL B 176 13.47 30.55 6.76
C VAL B 176 13.18 29.54 7.85
N TRP B 177 14.14 29.41 8.77
CA TRP B 177 13.98 28.64 10.00
C TRP B 177 13.38 29.57 11.05
N LEU B 178 12.10 29.38 11.35
CA LEU B 178 11.35 30.36 12.13
C LEU B 178 11.69 30.26 13.62
N ILE B 179 11.72 29.05 14.15
CA ILE B 179 11.93 28.84 15.57
C ILE B 179 12.93 27.71 15.73
N ARG B 180 13.99 27.95 16.49
CA ARG B 180 15.00 26.94 16.80
C ARG B 180 15.08 26.77 18.30
N ASN B 181 14.79 25.55 18.77
CA ASN B 181 14.93 25.20 20.18
C ASN B 181 14.25 26.24 21.07
N GLY B 182 13.07 26.68 20.66
CA GLY B 182 12.25 27.55 21.48
C GLY B 182 12.54 29.03 21.37
N SER B 183 13.48 29.43 20.52
CA SER B 183 13.79 30.83 20.30
C SER B 183 13.57 31.19 18.83
N ILE B 184 13.11 32.41 18.57
CA ILE B 184 12.95 32.85 17.20
C ILE B 184 14.30 32.85 16.51
N TYR B 185 14.30 32.60 15.20
CA TYR B 185 15.56 32.34 14.49
C TYR B 185 15.53 32.97 13.10
N ILE B 186 14.65 33.94 12.88
CA ILE B 186 14.54 34.57 11.57
C ILE B 186 15.79 35.37 11.24
N ASN B 187 16.37 36.05 12.24
CA ASN B 187 17.59 36.83 12.01
C ASN B 187 18.70 35.92 11.50
N GLU B 188 18.92 34.80 12.19
CA GLU B 188 19.97 33.86 11.82
C GLU B 188 19.70 33.25 10.44
N SER B 189 18.44 32.90 10.15
CA SER B 189 18.11 32.36 8.83
C SER B 189 18.46 33.37 7.72
N GLN B 190 18.07 34.63 7.90
CA GLN B 190 18.29 35.62 6.85
C GLN B 190 19.76 35.76 6.51
N ALA B 191 20.65 35.50 7.46
CA ALA B 191 22.07 35.71 7.25
C ALA B 191 22.80 34.50 6.70
N THR B 192 22.16 33.33 6.63
CA THR B 192 22.86 32.11 6.26
C THR B 192 22.16 31.36 5.14
N GLU B 193 20.84 31.41 5.08
CA GLU B 193 20.11 30.60 4.13
C GLU B 193 20.32 31.12 2.71
N SER B 194 20.35 30.18 1.76
CA SER B 194 20.40 30.53 0.36
C SER B 194 19.15 31.32 0.00
N ASP B 195 19.30 32.22 -0.97
CA ASP B 195 18.22 33.08 -1.40
C ASP B 195 18.03 32.96 -2.91
N GLU B 196 17.69 31.75 -3.36
CA GLU B 196 17.43 31.48 -4.76
C GLU B 196 16.13 30.70 -4.99
N THR B 197 15.32 30.50 -3.94
CA THR B 197 14.12 29.69 -4.04
C THR B 197 12.84 30.54 -4.14
N GLN B 198 12.58 31.36 -3.14
CA GLN B 198 11.35 32.15 -3.12
C GLN B 198 11.37 33.20 -4.23
N GLU B 199 10.21 33.41 -4.84
CA GLU B 199 10.07 34.37 -5.93
C GLU B 199 9.31 35.62 -5.50
N THR B 200 9.20 35.86 -4.19
CA THR B 200 8.46 37.03 -3.72
C THR B 200 9.23 38.32 -3.97
N GLY B 201 10.54 38.26 -3.94
CA GLY B 201 11.37 39.43 -4.13
C GLY B 201 12.65 39.29 -3.33
N SER B 202 13.13 40.43 -2.81
CA SER B 202 14.29 40.41 -1.94
C SER B 202 13.99 39.63 -0.67
N PHE B 203 15.05 39.19 0.01
CA PHE B 203 14.87 38.41 1.22
C PHE B 203 14.10 39.22 2.27
N SER B 204 14.44 40.50 2.42
CA SER B 204 13.75 41.33 3.41
C SER B 204 12.26 41.42 3.13
N LYS B 205 11.87 41.64 1.86
CA LYS B 205 10.46 41.68 1.51
C LYS B 205 9.76 40.37 1.86
N PHE B 206 10.36 39.25 1.47
CA PHE B 206 9.74 37.96 1.73
C PHE B 206 9.56 37.74 3.23
N VAL B 207 10.48 38.25 4.04
CA VAL B 207 10.37 38.07 5.48
C VAL B 207 9.33 39.02 6.08
N ASN B 208 9.33 40.28 5.66
CA ASN B 208 8.58 41.29 6.39
C ASN B 208 7.25 41.67 5.76
N VAL B 209 7.01 41.25 4.52
CA VAL B 209 5.76 41.58 3.84
C VAL B 209 4.59 40.83 4.48
N MET B 210 3.42 41.45 4.39
CA MET B 210 2.16 40.82 4.77
C MET B 210 1.74 39.82 3.71
N SER B 211 1.29 38.65 4.11
CA SER B 211 0.82 37.68 3.12
C SER B 211 0.15 36.50 3.80
N ALA B 212 -0.43 35.62 2.98
CA ALA B 212 -0.82 34.30 3.45
C ALA B 212 0.45 33.50 3.75
N ARG B 213 0.47 32.81 4.90
CA ARG B 213 1.66 32.06 5.30
C ARG B 213 1.30 30.67 5.78
N THR B 214 2.28 29.77 5.72
CA THR B 214 2.15 28.42 6.27
C THR B 214 3.45 28.02 6.92
N ALA B 215 3.36 27.14 7.93
CA ALA B 215 4.56 26.67 8.62
C ALA B 215 4.33 25.23 9.07
N ILE B 216 5.44 24.52 9.26
CA ILE B 216 5.42 23.19 9.82
C ILE B 216 6.44 23.13 10.95
N GLY B 217 6.11 22.41 12.01
CA GLY B 217 6.98 22.33 13.17
C GLY B 217 6.57 21.24 14.13
N HIS B 218 7.10 21.31 15.34
CA HIS B 218 6.67 20.36 16.37
C HIS B 218 6.80 21.02 17.73
N ASP B 219 6.11 20.43 18.71
CA ASP B 219 6.15 20.88 20.09
C ASP B 219 6.99 19.93 20.94
N ARG B 220 7.04 20.19 22.24
CA ARG B 220 8.00 19.50 23.11
C ARG B 220 7.56 18.10 23.50
N ASP B 221 6.34 17.70 23.13
CA ASP B 221 5.89 16.33 23.28
C ASP B 221 6.02 15.54 21.99
N GLY B 222 6.75 16.07 21.01
CA GLY B 222 6.95 15.36 19.76
C GLY B 222 5.76 15.36 18.83
N GLN B 223 4.78 16.23 19.03
CA GLN B 223 3.61 16.28 18.17
C GLN B 223 3.89 17.21 16.99
N LEU B 224 3.41 16.83 15.82
CA LEU B 224 3.51 17.69 14.66
C LEU B 224 2.60 18.91 14.80
N VAL B 225 3.11 20.07 14.41
CA VAL B 225 2.35 21.31 14.40
C VAL B 225 2.33 21.85 12.96
N LEU B 226 1.13 22.09 12.45
CA LEU B 226 0.89 22.72 11.16
C LEU B 226 0.14 24.02 11.38
N PHE B 227 0.48 25.04 10.61
CA PHE B 227 -0.13 26.35 10.75
C PHE B 227 -0.40 26.96 9.39
N HIS B 228 -1.50 27.69 9.28
CA HIS B 228 -1.71 28.47 8.08
C HIS B 228 -2.52 29.71 8.45
N ALA B 229 -2.27 30.79 7.73
CA ALA B 229 -3.05 32.02 7.88
C ALA B 229 -3.48 32.48 6.50
N ASP B 230 -4.78 32.80 6.35
CA ASP B 230 -5.26 33.41 5.13
C ASP B 230 -4.66 34.80 4.97
N GLY B 231 -4.34 35.16 3.74
CA GLY B 231 -3.83 36.48 3.45
C GLY B 231 -3.66 36.67 1.96
N GLN B 232 -3.03 37.79 1.61
CA GLN B 232 -2.74 38.14 0.23
C GLN B 232 -1.52 39.05 0.23
N THR B 233 -0.49 38.65 -0.51
CA THR B 233 0.82 39.32 -0.42
C THR B 233 0.64 40.82 -0.57
N GLU B 234 1.13 41.55 0.42
CA GLU B 234 1.16 43.01 0.49
C GLU B 234 -0.21 43.59 0.79
N GLN B 235 -1.25 42.78 0.90
CA GLN B 235 -2.59 43.29 1.20
C GLN B 235 -3.11 42.84 2.56
N ARG B 236 -3.08 41.54 2.83
CA ARG B 236 -3.63 40.97 4.05
C ARG B 236 -2.74 39.83 4.48
N GLY B 237 -2.86 39.47 5.76
CA GLY B 237 -2.11 38.36 6.33
C GLY B 237 -1.07 38.81 7.34
N ILE B 238 0.02 38.06 7.43
CA ILE B 238 1.06 38.28 8.45
C ILE B 238 2.42 38.11 7.80
N ASN B 239 3.45 38.54 8.53
CA ASN B 239 4.83 38.35 8.11
C ASN B 239 5.45 37.26 8.98
N LEU B 240 6.71 36.93 8.68
CA LEU B 240 7.31 35.78 9.36
C LEU B 240 7.52 36.04 10.85
N TRP B 241 7.80 37.29 11.23
CA TRP B 241 7.99 37.62 12.65
C TRP B 241 6.70 37.37 13.44
N GLU B 242 5.57 37.78 12.87
CA GLU B 242 4.30 37.60 13.57
C GLU B 242 3.96 36.13 13.70
N MET B 243 4.12 35.36 12.61
CA MET B 243 3.81 33.94 12.67
C MET B 243 4.65 33.23 13.72
N ALA B 244 5.96 33.48 13.72
CA ALA B 244 6.85 32.84 14.69
C ALA B 244 6.47 33.22 16.11
N GLU B 245 6.13 34.48 16.34
CA GLU B 245 5.69 34.89 17.68
C GLU B 245 4.43 34.13 18.08
N PHE B 246 3.47 34.02 17.16
CA PHE B 246 2.25 33.25 17.43
C PHE B 246 2.58 31.80 17.73
N LEU B 247 3.49 31.21 16.95
CA LEU B 247 3.78 29.79 17.14
C LEU B 247 4.44 29.52 18.48
N LEU B 248 5.32 30.42 18.93
CA LEU B 248 5.95 30.27 20.24
C LEU B 248 4.93 30.21 21.36
N ARG B 249 3.89 31.05 21.29
CA ARG B 249 2.83 31.02 22.29
C ARG B 249 2.10 29.68 22.30
N GLN B 250 2.11 28.96 21.19
CA GLN B 250 1.42 27.68 21.13
C GLN B 250 2.31 26.52 21.55
N GLY B 251 3.52 26.81 22.01
CA GLY B 251 4.41 25.76 22.46
C GLY B 251 5.26 25.13 21.37
N VAL B 252 5.32 25.74 20.19
CA VAL B 252 6.19 25.24 19.15
C VAL B 252 7.64 25.45 19.56
N VAL B 253 8.45 24.42 19.39
CA VAL B 253 9.86 24.47 19.77
C VAL B 253 10.80 24.43 18.58
N ASN B 254 10.36 23.93 17.43
CA ASN B 254 11.10 24.05 16.19
C ASN B 254 10.09 24.15 15.06
N ALA B 255 10.33 25.05 14.12
CA ALA B 255 9.42 25.20 13.00
C ALA B 255 10.14 25.89 11.85
N ILE B 256 9.69 25.59 10.63
CA ILE B 256 10.18 26.27 9.44
C ILE B 256 9.00 26.83 8.66
N ASN B 257 9.30 27.84 7.85
CA ASN B 257 8.31 28.51 7.04
C ASN B 257 8.17 27.81 5.70
N LEU B 258 6.93 27.44 5.35
CA LEU B 258 6.66 26.80 4.08
C LEU B 258 6.12 27.82 3.08
N ASP B 259 5.75 27.33 1.90
CA ASP B 259 5.29 28.20 0.83
C ASP B 259 4.01 28.91 1.25
N GLY B 260 3.93 30.21 0.96
CA GLY B 260 2.80 31.04 1.34
C GLY B 260 2.17 31.69 0.13
N GLY B 261 1.72 32.94 0.25
CA GLY B 261 1.03 33.60 -0.85
C GLY B 261 -0.14 32.81 -1.40
N GLY B 262 -0.30 32.85 -2.72
CA GLY B 262 -1.39 32.12 -3.36
C GLY B 262 -1.32 30.61 -3.23
N SER B 263 -0.14 30.06 -2.92
CA SER B 263 -0.01 28.62 -2.68
C SER B 263 -0.61 28.16 -1.36
N ALA B 264 -0.77 29.06 -0.38
CA ALA B 264 -1.24 28.66 0.94
C ALA B 264 -2.63 28.05 0.84
N THR B 265 -2.77 26.83 1.33
CA THR B 265 -4.03 26.10 1.23
C THR B 265 -4.19 25.21 2.46
N PHE B 266 -5.40 25.20 3.01
CA PHE B 266 -5.76 24.30 4.11
C PHE B 266 -6.94 23.42 3.69
N VAL B 267 -6.73 22.11 3.68
CA VAL B 267 -7.73 21.16 3.19
C VAL B 267 -8.02 20.16 4.29
N LEU B 268 -9.29 20.03 4.65
CA LEU B 268 -9.72 19.27 5.80
C LEU B 268 -10.62 18.15 5.33
N ASN B 269 -10.20 16.91 5.57
CA ASN B 269 -11.02 15.78 5.18
C ASN B 269 -11.30 15.84 3.68
N GLY B 270 -10.31 16.30 2.92
CA GLY B 270 -10.40 16.42 1.48
C GLY B 270 -11.16 17.63 0.98
N THR B 271 -11.64 18.49 1.86
CA THR B 271 -12.42 19.67 1.48
C THR B 271 -11.64 20.96 1.76
N LEU B 272 -11.65 21.87 0.80
CA LEU B 272 -11.02 23.17 0.98
C LEU B 272 -11.68 23.92 2.13
N ALA B 273 -10.86 24.42 3.05
CA ALA B 273 -11.36 25.07 4.25
C ALA B 273 -10.60 26.37 4.54
N SER B 274 -10.05 27.00 3.50
CA SER B 274 -9.36 28.26 3.63
C SER B 274 -9.76 29.15 2.47
N TYR B 275 -9.22 30.37 2.43
CA TYR B 275 -9.55 31.38 1.43
C TYR B 275 -8.31 31.70 0.60
N PRO B 276 -8.07 30.98 -0.50
CA PRO B 276 -6.87 31.24 -1.32
C PRO B 276 -6.91 32.65 -1.89
N SER B 277 -5.73 33.20 -2.20
CA SER B 277 -5.64 34.56 -2.70
C SER B 277 -5.71 34.65 -4.22
N ASP B 278 -5.40 33.57 -4.94
CA ASP B 278 -5.42 33.60 -6.39
C ASP B 278 -6.85 33.78 -6.92
N HIS B 279 -6.99 34.66 -7.91
CA HIS B 279 -8.26 34.83 -8.59
C HIS B 279 -8.44 33.72 -9.62
N CYS B 280 -9.67 33.22 -9.73
CA CYS B 280 -10.01 32.35 -10.84
C CYS B 280 -9.94 33.14 -12.13
N GLN B 281 -9.64 32.44 -13.23
CA GLN B 281 -9.44 33.12 -14.49
C GLN B 281 -10.75 33.72 -14.98
N ASP B 282 -10.74 35.02 -15.24
CA ASP B 282 -11.83 35.72 -15.91
C ASP B 282 -13.07 35.86 -15.04
N ASN B 283 -12.89 35.95 -13.72
CA ASN B 283 -14.00 36.23 -12.83
C ASN B 283 -13.44 36.70 -11.49
N MET B 284 -14.34 37.07 -10.58
CA MET B 284 -13.97 37.68 -9.31
C MET B 284 -13.70 36.66 -8.21
N TRP B 285 -13.91 35.38 -8.47
CA TRP B 285 -13.84 34.39 -7.43
C TRP B 285 -12.39 33.97 -7.17
N ARG B 286 -12.19 33.31 -6.03
CA ARG B 286 -10.88 32.85 -5.61
C ARG B 286 -10.73 31.36 -5.91
N CYS B 287 -9.50 30.96 -6.28
CA CYS B 287 -9.24 29.60 -6.73
C CYS B 287 -8.01 29.07 -6.01
N PRO B 288 -8.04 27.85 -5.51
CA PRO B 288 -6.83 27.25 -4.96
C PRO B 288 -5.79 27.08 -6.05
N ARG B 289 -4.52 27.21 -5.68
CA ARG B 289 -3.45 27.13 -6.66
C ARG B 289 -3.01 25.69 -6.89
N ARG B 290 -2.66 25.37 -8.14
CA ARG B 290 -2.02 24.10 -8.46
C ARG B 290 -0.58 24.13 -7.94
N VAL B 291 -0.28 23.32 -6.93
CA VAL B 291 1.01 23.44 -6.27
C VAL B 291 1.82 22.18 -6.46
N SER B 292 2.92 22.04 -5.72
CA SER B 292 3.80 20.89 -5.88
C SER B 292 3.60 19.91 -4.72
N THR B 293 4.59 19.81 -3.83
CA THR B 293 4.48 18.85 -2.74
C THR B 293 3.48 19.32 -1.70
N VAL B 294 2.96 18.34 -0.97
CA VAL B 294 1.92 18.52 0.03
C VAL B 294 2.33 17.86 1.33
N VAL B 295 2.01 18.52 2.46
CA VAL B 295 2.17 17.93 3.79
C VAL B 295 0.80 17.46 4.27
N CYS B 296 0.77 16.24 4.81
CA CYS B 296 -0.44 15.47 5.05
C CYS B 296 -0.39 14.87 6.45
N VAL B 297 -1.52 14.95 7.15
CA VAL B 297 -1.76 14.18 8.35
C VAL B 297 -2.82 13.15 8.01
N HIS B 298 -2.49 11.86 8.16
CA HIS B 298 -3.38 10.77 7.75
C HIS B 298 -3.50 9.77 8.89
N GLU B 299 -4.38 8.81 8.70
CA GLU B 299 -4.61 7.78 9.70
C GLU B 299 -3.35 6.93 9.87
N PRO B 300 -3.04 6.48 11.10
CA PRO B 300 -1.83 5.66 11.30
C PRO B 300 -1.98 4.26 10.70
N LEU C 32 1.83 -62.54 8.75
CA LEU C 32 2.71 -63.51 8.12
C LEU C 32 3.36 -62.95 6.86
N LYS C 33 2.54 -62.55 5.88
CA LYS C 33 3.03 -61.92 4.65
C LYS C 33 3.00 -60.39 4.70
N HIS C 34 2.63 -59.80 5.84
CA HIS C 34 2.59 -58.36 5.96
C HIS C 34 2.82 -57.99 7.42
N GLU C 35 3.06 -56.70 7.64
CA GLU C 35 3.29 -56.15 8.96
C GLU C 35 2.12 -55.24 9.30
N ASN C 36 1.53 -55.44 10.47
CA ASN C 36 0.49 -54.56 11.01
C ASN C 36 1.09 -53.72 12.14
N TRP C 37 0.84 -52.43 12.13
CA TRP C 37 1.34 -51.52 13.16
C TRP C 37 0.15 -50.90 13.86
N PRO C 38 -0.10 -51.21 15.14
CA PRO C 38 -1.29 -50.67 15.79
C PRO C 38 -1.18 -49.18 15.95
N PRO C 39 -2.30 -48.46 15.92
CA PRO C 39 -2.27 -47.00 16.05
C PRO C 39 -2.09 -46.59 17.50
N PRO C 40 -1.41 -45.47 17.77
CA PRO C 40 -1.28 -45.03 19.17
C PRO C 40 -2.42 -44.14 19.61
N GLY C 47 0.77 -30.49 15.49
CA GLY C 47 1.76 -31.39 14.91
C GLY C 47 1.77 -31.38 13.39
N PRO C 48 2.30 -30.31 12.79
CA PRO C 48 2.34 -30.23 11.32
C PRO C 48 3.51 -31.06 10.80
N PRO C 49 3.43 -31.54 9.56
CA PRO C 49 4.47 -32.45 9.06
C PRO C 49 5.83 -31.76 9.02
N ALA C 50 6.86 -32.56 9.23
CA ALA C 50 8.23 -32.07 9.19
C ALA C 50 8.81 -32.42 7.83
N VAL C 51 9.13 -31.38 7.05
CA VAL C 51 9.71 -31.54 5.71
C VAL C 51 11.19 -31.20 5.82
N ARG C 52 12.02 -32.16 5.47
CA ARG C 52 13.46 -32.02 5.57
C ARG C 52 14.07 -32.10 4.18
N THR C 53 15.01 -31.22 3.92
CA THR C 53 15.72 -31.17 2.66
C THR C 53 17.12 -31.73 2.84
N PHE C 54 17.56 -32.57 1.90
CA PHE C 54 18.89 -33.15 1.99
C PHE C 54 19.61 -33.08 0.64
N VAL C 55 20.93 -32.99 0.76
CA VAL C 55 21.84 -33.25 -0.34
C VAL C 55 22.86 -34.21 0.30
N SER C 56 22.73 -35.50 0.01
CA SER C 56 23.53 -36.54 0.65
C SER C 56 24.31 -37.32 -0.38
N HIS C 57 25.35 -37.99 0.08
CA HIS C 57 26.24 -38.73 -0.78
C HIS C 57 25.94 -40.22 -0.67
N PHE C 58 25.56 -40.81 -1.80
CA PHE C 58 25.30 -42.25 -1.92
C PHE C 58 26.38 -42.81 -2.83
N GLY C 59 27.27 -43.63 -2.28
CA GLY C 59 28.36 -44.16 -3.07
C GLY C 59 29.22 -43.09 -3.70
N GLY C 60 29.36 -41.93 -3.05
CA GLY C 60 30.18 -40.85 -3.56
C GLY C 60 29.45 -39.82 -4.40
N ARG C 61 28.22 -40.11 -4.82
CA ARG C 61 27.45 -39.19 -5.65
C ARG C 61 26.53 -38.37 -4.76
N ALA C 62 26.46 -37.06 -5.04
CA ALA C 62 25.55 -36.16 -4.33
C ALA C 62 24.15 -36.25 -4.93
N VAL C 63 23.16 -36.53 -4.08
CA VAL C 63 21.78 -36.70 -4.51
C VAL C 63 20.90 -35.82 -3.64
N SER C 64 20.01 -35.06 -4.27
CA SER C 64 19.12 -34.15 -3.57
C SER C 64 17.73 -34.75 -3.45
N GLY C 65 16.99 -34.29 -2.45
CA GLY C 65 15.67 -34.84 -2.19
C GLY C 65 15.10 -34.33 -0.88
N HIS C 66 13.98 -34.92 -0.49
CA HIS C 66 13.30 -34.53 0.74
C HIS C 66 12.84 -35.76 1.50
N LEU C 67 12.79 -35.61 2.83
CA LEU C 67 12.20 -36.59 3.72
C LEU C 67 11.06 -35.89 4.45
N THR C 68 9.87 -36.44 4.35
CA THR C 68 8.70 -35.88 5.01
C THR C 68 8.24 -36.84 6.10
N ARG C 69 7.90 -36.30 7.27
CA ARG C 69 7.40 -37.09 8.38
C ARG C 69 6.11 -36.46 8.88
N ALA C 70 5.02 -37.22 8.88
CA ALA C 70 3.70 -36.67 9.21
C ALA C 70 3.03 -37.52 10.27
N ALA C 71 2.50 -36.86 11.31
CA ALA C 71 1.82 -37.54 12.40
C ALA C 71 0.32 -37.65 12.09
N ALA C 72 -0.34 -38.60 12.75
CA ALA C 72 -1.76 -38.84 12.59
C ALA C 72 -2.12 -39.16 11.14
N PRO C 73 -1.58 -40.24 10.58
CA PRO C 73 -1.90 -40.56 9.18
C PRO C 73 -3.38 -40.80 8.93
N LEU C 74 -4.11 -41.32 9.92
CA LEU C 74 -5.54 -41.56 9.73
C LEU C 74 -6.27 -40.27 9.43
N ARG C 75 -5.80 -39.15 9.98
CA ARG C 75 -6.38 -37.85 9.73
C ARG C 75 -5.81 -37.14 8.51
N THR C 76 -4.54 -37.37 8.16
CA THR C 76 -3.86 -36.54 7.18
C THR C 76 -3.46 -37.24 5.89
N PHE C 77 -3.41 -38.57 5.87
CA PHE C 77 -2.92 -39.30 4.72
C PHE C 77 -4.06 -39.62 3.75
N SER C 78 -3.86 -39.28 2.48
CA SER C 78 -4.80 -39.64 1.43
C SER C 78 -4.08 -40.24 0.23
N VAL C 79 -4.68 -41.26 -0.37
CA VAL C 79 -4.35 -41.69 -1.72
C VAL C 79 -5.37 -41.10 -2.67
N LEU C 80 -4.90 -40.35 -3.67
CA LEU C 80 -5.74 -39.61 -4.59
C LEU C 80 -5.66 -40.19 -6.00
N GLU C 81 -6.81 -40.21 -6.69
CA GLU C 81 -6.87 -40.63 -8.08
C GLU C 81 -6.44 -39.50 -9.00
N PRO C 82 -5.92 -39.83 -10.19
CA PRO C 82 -5.47 -38.77 -11.09
C PRO C 82 -6.61 -37.86 -11.46
N GLY C 83 -6.41 -36.56 -11.24
CA GLY C 83 -7.43 -35.60 -11.62
C GLY C 83 -8.72 -35.71 -10.86
N GLY C 84 -8.66 -36.15 -9.60
CA GLY C 84 -9.84 -36.20 -8.76
C GLY C 84 -10.55 -37.54 -8.80
N PRO C 85 -11.62 -37.66 -8.02
CA PRO C 85 -12.35 -38.93 -7.95
C PRO C 85 -12.76 -39.40 -9.33
N GLY C 86 -12.69 -40.72 -9.53
CA GLY C 86 -13.01 -41.35 -10.79
C GLY C 86 -11.86 -41.45 -11.75
N GLY C 87 -10.68 -40.92 -11.39
CA GLY C 87 -9.58 -40.87 -12.33
C GLY C 87 -9.11 -42.24 -12.79
N CYS C 88 -9.04 -43.19 -11.87
CA CYS C 88 -8.53 -44.50 -12.24
C CYS C 88 -9.50 -45.23 -13.17
N SER C 89 -10.81 -45.07 -12.91
CA SER C 89 -11.81 -45.66 -13.80
C SER C 89 -11.73 -45.05 -15.19
N GLN C 90 -11.57 -43.73 -15.28
CA GLN C 90 -11.41 -43.06 -16.58
C GLN C 90 -10.02 -43.27 -17.17
N LYS C 91 -9.08 -43.82 -16.41
CA LYS C 91 -7.70 -43.96 -16.87
C LYS C 91 -7.09 -42.61 -17.19
N ARG C 92 -7.39 -41.62 -16.37
CA ARG C 92 -6.85 -40.28 -16.54
C ARG C 92 -5.39 -40.21 -16.09
N ARG C 93 -4.63 -39.33 -16.72
CA ARG C 93 -3.27 -39.01 -16.30
C ARG C 93 -3.17 -37.51 -16.06
N ALA C 94 -2.61 -37.12 -14.91
CA ALA C 94 -2.44 -35.71 -14.56
C ALA C 94 -1.17 -35.54 -13.75
N THR C 95 -0.64 -34.32 -13.74
CA THR C 95 0.54 -34.04 -12.92
C THR C 95 0.18 -34.04 -11.43
N VAL C 96 1.18 -34.31 -10.59
CA VAL C 96 0.94 -34.30 -9.16
C VAL C 96 0.39 -32.94 -8.73
N GLU C 97 0.91 -31.87 -9.33
CA GLU C 97 0.40 -30.52 -9.05
C GLU C 97 -1.10 -30.44 -9.30
N GLU C 98 -1.55 -30.84 -10.49
CA GLU C 98 -2.97 -30.76 -10.82
C GLU C 98 -3.81 -31.55 -9.82
N THR C 99 -3.44 -32.80 -9.54
CA THR C 99 -4.22 -33.62 -8.62
C THR C 99 -4.18 -33.05 -7.21
N ALA C 100 -3.03 -32.56 -6.77
CA ALA C 100 -2.89 -32.13 -5.40
C ALA C 100 -3.63 -30.82 -5.12
N GLN C 101 -3.68 -29.92 -6.10
CA GLN C 101 -4.21 -28.59 -5.83
C GLN C 101 -5.70 -28.64 -5.56
N ALA C 102 -6.41 -29.58 -6.19
CA ALA C 102 -7.82 -29.75 -5.88
C ALA C 102 -8.01 -30.27 -4.46
N ALA C 103 -7.03 -31.00 -3.94
CA ALA C 103 -7.12 -31.57 -2.60
C ALA C 103 -6.48 -30.68 -1.55
N ALA C 104 -5.80 -29.61 -1.94
CA ALA C 104 -5.14 -28.72 -0.99
C ALA C 104 -4.13 -29.48 -0.13
N CYS C 105 -3.32 -30.30 -0.79
CA CYS C 105 -2.30 -31.06 -0.08
C CYS C 105 -1.16 -30.18 0.38
N ARG C 106 -0.77 -30.33 1.65
CA ARG C 106 0.44 -29.69 2.14
C ARG C 106 1.69 -30.30 1.51
N ILE C 107 1.72 -31.63 1.36
CA ILE C 107 2.82 -32.33 0.71
C ILE C 107 2.18 -33.38 -0.18
N ALA C 108 2.58 -33.45 -1.44
CA ALA C 108 2.10 -34.46 -2.37
C ALA C 108 3.27 -35.04 -3.15
N GLN C 109 3.23 -36.35 -3.39
CA GLN C 109 4.19 -37.02 -4.24
C GLN C 109 3.41 -37.94 -5.19
N ASN C 110 4.06 -38.32 -6.28
CA ASN C 110 3.44 -39.28 -7.18
C ASN C 110 3.21 -40.58 -6.43
N GLY C 111 2.25 -41.36 -6.92
CA GLY C 111 1.89 -42.58 -6.25
C GLY C 111 2.36 -43.83 -6.94
N GLY C 112 1.40 -44.67 -7.28
CA GLY C 112 1.73 -46.00 -7.76
C GLY C 112 2.14 -46.04 -9.23
N PHE C 113 2.39 -47.25 -9.68
CA PHE C 113 2.77 -47.50 -11.07
C PHE C 113 1.53 -47.51 -11.96
N PHE C 114 1.74 -47.19 -13.23
CA PHE C 114 0.66 -47.14 -14.20
C PHE C 114 1.22 -47.44 -15.56
N ARG C 115 0.33 -47.76 -16.51
CA ARG C 115 0.69 -48.01 -17.90
C ARG C 115 0.72 -46.69 -18.64
N MET C 116 1.90 -46.31 -19.12
CA MET C 116 2.08 -44.99 -19.71
C MET C 116 1.22 -44.82 -20.95
N ASN C 117 1.06 -45.89 -21.74
CA ASN C 117 0.33 -45.78 -23.01
C ASN C 117 -1.18 -45.73 -22.85
N THR C 118 -1.72 -46.28 -21.75
CA THR C 118 -3.16 -46.35 -21.58
C THR C 118 -3.68 -45.59 -20.38
N GLY C 119 -2.84 -45.24 -19.42
CA GLY C 119 -3.33 -44.61 -18.21
C GLY C 119 -3.97 -45.57 -17.24
N GLU C 120 -3.84 -46.87 -17.44
CA GLU C 120 -4.40 -47.83 -16.49
C GLU C 120 -3.63 -47.80 -15.16
N CYS C 121 -4.38 -47.59 -14.06
CA CYS C 121 -3.82 -47.75 -12.71
C CYS C 121 -3.49 -49.22 -12.47
N LEU C 122 -2.32 -49.47 -11.88
CA LEU C 122 -1.82 -50.83 -11.65
C LEU C 122 -1.77 -51.14 -10.17
N GLY C 123 -2.28 -52.30 -9.79
CA GLY C 123 -2.24 -52.72 -8.40
C GLY C 123 -3.51 -52.35 -7.64
N ASN C 124 -3.55 -52.80 -6.39
CA ASN C 124 -4.64 -52.45 -5.50
C ASN C 124 -4.54 -50.98 -5.11
N VAL C 125 -5.66 -50.27 -5.20
CA VAL C 125 -5.75 -48.89 -4.75
C VAL C 125 -7.06 -48.71 -4.01
N VAL C 126 -6.98 -48.13 -2.81
CA VAL C 126 -8.15 -47.64 -2.09
C VAL C 126 -7.93 -46.14 -1.89
N SER C 127 -8.90 -45.35 -2.32
CA SER C 127 -8.81 -43.90 -2.29
C SER C 127 -10.00 -43.38 -1.49
N ASP C 128 -9.72 -42.97 -0.24
CA ASP C 128 -10.74 -42.43 0.65
C ASP C 128 -11.92 -43.40 0.77
N GLY C 129 -11.59 -44.61 1.18
CA GLY C 129 -12.57 -45.67 1.36
C GLY C 129 -13.05 -46.34 0.10
N ARG C 130 -12.75 -45.80 -1.08
CA ARG C 130 -13.25 -46.33 -2.34
C ARG C 130 -12.14 -47.14 -3.02
N ARG C 131 -12.39 -48.43 -3.21
CA ARG C 131 -11.45 -49.26 -3.96
C ARG C 131 -11.65 -49.00 -5.45
N VAL C 132 -10.55 -48.68 -6.14
CA VAL C 132 -10.63 -48.26 -7.55
C VAL C 132 -9.63 -48.99 -8.42
N SER C 133 -8.86 -49.93 -7.86
CA SER C 133 -7.92 -50.71 -8.65
C SER C 133 -7.68 -52.03 -7.93
N SER C 134 -7.45 -53.09 -8.71
CA SER C 134 -7.21 -54.41 -8.19
C SER C 134 -5.83 -54.92 -8.60
N SER C 135 -5.33 -55.91 -7.84
CA SER C 135 -4.01 -56.45 -8.12
C SER C 135 -3.97 -57.28 -9.40
N GLY C 136 -5.10 -57.81 -9.85
CA GLY C 136 -5.10 -58.67 -11.02
C GLY C 136 -4.32 -59.95 -10.84
N GLY C 137 -4.28 -60.50 -9.64
CA GLY C 137 -3.54 -61.70 -9.35
C GLY C 137 -2.08 -61.49 -9.00
N LEU C 138 -1.51 -60.34 -9.35
CA LEU C 138 -0.11 -60.09 -9.07
C LEU C 138 0.12 -59.85 -7.58
N GLN C 139 1.34 -60.18 -7.13
CA GLN C 139 1.76 -59.95 -5.75
C GLN C 139 2.79 -58.82 -5.76
N ASN C 140 2.42 -57.68 -5.19
CA ASN C 140 3.31 -56.54 -5.12
C ASN C 140 3.23 -55.89 -3.74
N ALA C 141 4.31 -55.20 -3.38
CA ALA C 141 4.37 -54.50 -2.11
C ALA C 141 3.24 -53.49 -2.02
N GLN C 142 2.63 -53.42 -0.85
CA GLN C 142 1.48 -52.57 -0.63
C GLN C 142 1.67 -51.78 0.66
N PHE C 143 1.00 -50.64 0.73
CA PHE C 143 1.01 -49.81 1.93
C PHE C 143 -0.37 -49.17 2.06
N GLY C 144 -0.95 -49.22 3.24
CA GLY C 144 -2.25 -48.63 3.45
C GLY C 144 -2.55 -48.51 4.93
N ILE C 145 -3.69 -47.90 5.23
CA ILE C 145 -4.13 -47.70 6.61
C ILE C 145 -5.57 -48.16 6.72
N ARG C 146 -5.88 -48.87 7.80
CA ARG C 146 -7.22 -49.34 8.06
C ARG C 146 -8.02 -48.28 8.82
N ARG C 147 -9.33 -48.55 8.97
CA ARG C 147 -10.20 -47.51 9.47
C ARG C 147 -9.88 -47.15 10.92
N ASP C 148 -9.41 -48.10 11.71
CA ASP C 148 -9.03 -47.80 13.09
C ASP C 148 -7.65 -47.19 13.21
N GLY C 149 -6.92 -47.02 12.11
CA GLY C 149 -5.63 -46.39 12.14
C GLY C 149 -4.45 -47.31 12.04
N THR C 150 -4.68 -48.62 11.89
CA THR C 150 -3.60 -49.59 11.80
C THR C 150 -2.88 -49.44 10.46
N LEU C 151 -1.55 -49.37 10.49
CA LEU C 151 -0.76 -49.27 9.28
C LEU C 151 -0.34 -50.66 8.83
N VAL C 152 -0.56 -50.96 7.55
CA VAL C 152 -0.31 -52.29 7.00
C VAL C 152 0.66 -52.16 5.84
N THR C 153 1.70 -53.00 5.85
CA THR C 153 2.73 -52.96 4.83
C THR C 153 3.07 -54.39 4.41
N GLY C 154 3.22 -54.61 3.10
CA GLY C 154 3.66 -55.88 2.58
C GLY C 154 2.72 -56.45 1.55
N TYR C 155 2.64 -57.79 1.51
CA TYR C 155 1.89 -58.51 0.50
C TYR C 155 0.53 -58.86 1.09
N LEU C 156 -0.54 -58.41 0.42
CA LEU C 156 -1.89 -58.62 0.89
C LEU C 156 -2.66 -59.47 -0.10
N SER C 157 -3.39 -60.47 0.43
CA SER C 157 -4.28 -61.26 -0.40
C SER C 157 -5.52 -60.44 -0.76
N GLU C 158 -6.29 -60.98 -1.71
CA GLU C 158 -7.55 -60.33 -2.09
C GLU C 158 -8.51 -60.28 -0.92
N GLU C 159 -8.54 -61.33 -0.09
CA GLU C 159 -9.44 -61.34 1.05
C GLU C 159 -9.07 -60.25 2.06
N GLU C 160 -7.78 -60.07 2.31
CA GLU C 160 -7.35 -59.03 3.24
C GLU C 160 -7.70 -57.64 2.72
N VAL C 161 -7.70 -57.44 1.40
CA VAL C 161 -7.99 -56.11 0.87
C VAL C 161 -9.47 -55.81 0.95
N LEU C 162 -10.32 -56.81 0.73
CA LEU C 162 -11.76 -56.66 0.76
C LEU C 162 -12.35 -56.79 2.15
N ASP C 163 -11.54 -56.99 3.18
CA ASP C 163 -12.05 -57.17 4.53
C ASP C 163 -12.96 -56.02 4.93
N THR C 164 -14.22 -56.33 5.23
CA THR C 164 -15.15 -55.32 5.73
C THR C 164 -14.97 -55.06 7.22
N GLU C 165 -14.28 -55.94 7.94
CA GLU C 165 -13.92 -55.67 9.32
C GLU C 165 -12.64 -54.82 9.36
N ASN C 166 -12.75 -53.61 9.88
CA ASN C 166 -11.64 -52.66 9.86
C ASN C 166 -11.16 -52.45 8.43
N PRO C 167 -12.00 -51.89 7.57
CA PRO C 167 -11.62 -51.77 6.16
C PRO C 167 -10.49 -50.79 5.93
N PHE C 168 -9.77 -51.01 4.82
CA PHE C 168 -8.80 -50.04 4.36
C PHE C 168 -9.49 -48.74 3.96
N VAL C 169 -8.93 -47.61 4.40
CA VAL C 169 -9.41 -46.30 3.96
C VAL C 169 -8.46 -45.72 2.91
N GLN C 170 -7.18 -46.05 3.00
CA GLN C 170 -6.21 -45.69 1.99
C GLN C 170 -5.31 -46.89 1.71
N LEU C 171 -4.96 -47.09 0.45
CA LEU C 171 -4.12 -48.21 0.05
C LEU C 171 -3.57 -47.96 -1.35
N LEU C 172 -2.28 -48.24 -1.54
CA LEU C 172 -1.73 -48.27 -2.89
C LEU C 172 -0.61 -49.31 -2.96
N SER C 173 -0.21 -49.60 -4.20
CA SER C 173 0.79 -50.63 -4.47
C SER C 173 2.03 -50.01 -5.08
N GLY C 174 3.18 -50.54 -4.69
CA GLY C 174 4.43 -50.20 -5.36
C GLY C 174 5.09 -51.43 -5.96
N VAL C 175 6.40 -51.37 -6.11
CA VAL C 175 7.18 -52.47 -6.64
C VAL C 175 8.43 -52.54 -5.79
N VAL C 176 8.49 -53.57 -4.94
CA VAL C 176 9.60 -53.90 -4.05
C VAL C 176 9.28 -53.42 -2.65
N TRP C 177 9.33 -54.35 -1.69
CA TRP C 177 9.18 -54.06 -0.27
C TRP C 177 10.57 -53.76 0.29
N LEU C 178 10.83 -52.48 0.54
CA LEU C 178 12.21 -52.05 0.84
C LEU C 178 12.63 -52.48 2.23
N ILE C 179 11.80 -52.21 3.24
CA ILE C 179 12.13 -52.43 4.64
C ILE C 179 10.97 -53.16 5.29
N ARG C 180 11.26 -54.29 5.92
CA ARG C 180 10.28 -55.05 6.66
C ARG C 180 10.76 -55.14 8.08
N ASN C 181 9.97 -54.62 9.01
CA ASN C 181 10.27 -54.70 10.43
C ASN C 181 11.72 -54.33 10.73
N GLY C 182 12.15 -53.22 10.14
CA GLY C 182 13.44 -52.64 10.45
C GLY C 182 14.62 -53.30 9.77
N SER C 183 14.37 -54.13 8.77
CA SER C 183 15.43 -54.79 8.01
C SER C 183 15.18 -54.65 6.51
N ILE C 184 16.26 -54.51 5.74
CA ILE C 184 16.15 -54.47 4.29
C ILE C 184 15.50 -55.76 3.81
N TYR C 185 14.54 -55.66 2.88
CA TYR C 185 13.78 -56.81 2.40
C TYR C 185 13.81 -56.90 0.88
N ILE C 186 14.84 -56.31 0.27
CA ILE C 186 14.92 -56.29 -1.18
C ILE C 186 15.19 -57.69 -1.74
N ASN C 187 16.09 -58.44 -1.10
CA ASN C 187 16.38 -59.80 -1.56
C ASN C 187 15.10 -60.62 -1.62
N GLU C 188 14.30 -60.55 -0.57
CA GLU C 188 13.05 -61.31 -0.52
C GLU C 188 12.06 -60.82 -1.57
N SER C 189 12.04 -59.52 -1.85
CA SER C 189 11.12 -58.99 -2.87
C SER C 189 11.45 -59.54 -4.24
N GLN C 190 12.74 -59.54 -4.61
CA GLN C 190 13.11 -60.11 -5.90
C GLN C 190 12.72 -61.57 -6.02
N ALA C 191 12.70 -62.31 -4.91
CA ALA C 191 12.43 -63.73 -4.95
C ALA C 191 10.94 -64.03 -5.09
N THR C 192 10.07 -63.14 -4.64
CA THR C 192 8.65 -63.46 -4.52
C THR C 192 7.72 -62.54 -5.27
N GLU C 193 8.09 -61.28 -5.48
CA GLU C 193 7.18 -60.30 -6.03
C GLU C 193 6.99 -60.48 -7.53
N SER C 194 5.76 -60.20 -7.98
CA SER C 194 5.48 -60.19 -9.41
C SER C 194 6.30 -59.11 -10.09
N ASP C 195 6.66 -59.37 -11.35
CA ASP C 195 7.45 -58.43 -12.12
C ASP C 195 6.79 -58.21 -13.48
N GLU C 196 5.57 -57.70 -13.44
CA GLU C 196 4.83 -57.31 -14.63
C GLU C 196 4.40 -55.86 -14.60
N THR C 197 4.75 -55.12 -13.54
CA THR C 197 4.25 -53.77 -13.34
C THR C 197 5.21 -52.69 -13.82
N GLN C 198 6.48 -52.72 -13.39
CA GLN C 198 7.43 -51.70 -13.80
C GLN C 198 7.91 -51.95 -15.23
N GLU C 199 8.24 -50.87 -15.94
CA GLU C 199 8.69 -50.96 -17.32
C GLU C 199 10.14 -50.53 -17.48
N THR C 200 10.91 -50.51 -16.40
CA THR C 200 12.31 -50.12 -16.52
C THR C 200 13.15 -51.23 -17.18
N GLY C 201 12.78 -52.49 -16.97
CA GLY C 201 13.50 -53.57 -17.61
C GLY C 201 13.38 -54.83 -16.78
N SER C 202 14.47 -55.56 -16.64
CA SER C 202 14.52 -56.70 -15.73
C SER C 202 14.35 -56.25 -14.28
N PHE C 203 13.85 -57.16 -13.44
CA PHE C 203 13.76 -56.87 -12.02
C PHE C 203 15.12 -56.43 -11.46
N SER C 204 16.19 -57.11 -11.85
CA SER C 204 17.51 -56.75 -11.34
C SER C 204 17.90 -55.32 -11.74
N LYS C 205 17.71 -54.98 -13.01
CA LYS C 205 18.04 -53.63 -13.46
C LYS C 205 17.20 -52.59 -12.72
N PHE C 206 15.90 -52.86 -12.61
CA PHE C 206 15.00 -51.96 -11.89
C PHE C 206 15.46 -51.75 -10.45
N VAL C 207 15.97 -52.80 -9.81
CA VAL C 207 16.39 -52.67 -8.42
C VAL C 207 17.70 -51.87 -8.32
N ASN C 208 18.62 -52.09 -9.26
CA ASN C 208 19.99 -51.62 -9.08
C ASN C 208 20.33 -50.40 -9.90
N VAL C 209 19.48 -49.97 -10.82
CA VAL C 209 19.84 -48.83 -11.65
C VAL C 209 19.74 -47.54 -10.84
N MET C 210 20.64 -46.61 -11.12
CA MET C 210 20.50 -45.23 -10.70
C MET C 210 19.23 -44.60 -11.27
N SER C 211 18.46 -43.92 -10.44
CA SER C 211 17.32 -43.17 -10.96
C SER C 211 16.74 -42.27 -9.88
N ALA C 212 15.81 -41.41 -10.30
CA ALA C 212 14.93 -40.78 -9.33
C ALA C 212 14.14 -41.86 -8.63
N ARG C 213 13.87 -41.68 -7.33
CA ARG C 213 13.15 -42.68 -6.55
C ARG C 213 12.20 -42.02 -5.56
N THR C 214 11.14 -42.74 -5.21
CA THR C 214 10.24 -42.30 -4.16
C THR C 214 9.85 -43.52 -3.33
N ALA C 215 9.48 -43.28 -2.08
CA ALA C 215 9.09 -44.36 -1.19
C ALA C 215 8.13 -43.85 -0.13
N ILE C 216 7.35 -44.77 0.40
CA ILE C 216 6.39 -44.47 1.45
C ILE C 216 6.50 -45.53 2.53
N GLY C 217 6.37 -45.10 3.77
CA GLY C 217 6.50 -46.01 4.89
C GLY C 217 6.10 -45.33 6.17
N HIS C 218 6.55 -45.89 7.30
CA HIS C 218 6.24 -45.30 8.59
C HIS C 218 7.39 -45.61 9.56
N ASP C 219 7.45 -44.82 10.63
CA ASP C 219 8.48 -45.00 11.65
C ASP C 219 7.88 -45.76 12.82
N ARG C 220 8.66 -45.89 13.91
CA ARG C 220 8.23 -46.67 15.06
C ARG C 220 7.22 -45.93 15.94
N ASP C 221 7.03 -44.63 15.74
CA ASP C 221 5.97 -43.88 16.40
C ASP C 221 4.69 -43.85 15.58
N GLY C 222 4.65 -44.59 14.48
CA GLY C 222 3.46 -44.62 13.65
C GLY C 222 3.25 -43.39 12.79
N GLN C 223 4.29 -42.59 12.58
CA GLN C 223 4.20 -41.42 11.73
C GLN C 223 4.44 -41.82 10.27
N LEU C 224 3.70 -41.17 9.38
CA LEU C 224 3.90 -41.39 7.96
C LEU C 224 5.24 -40.82 7.51
N VAL C 225 5.93 -41.56 6.64
CA VAL C 225 7.21 -41.15 6.09
C VAL C 225 7.09 -41.18 4.57
N LEU C 226 7.39 -40.05 3.94
CA LEU C 226 7.55 -39.95 2.49
C LEU C 226 9.00 -39.61 2.15
N PHE C 227 9.50 -40.20 1.08
CA PHE C 227 10.86 -39.94 0.62
C PHE C 227 10.87 -39.72 -0.88
N HIS C 228 11.73 -38.83 -1.35
CA HIS C 228 11.96 -38.74 -2.78
C HIS C 228 13.40 -38.29 -2.99
N ALA C 229 13.96 -38.73 -4.12
CA ALA C 229 15.28 -38.31 -4.54
C ALA C 229 15.25 -37.95 -6.02
N ASP C 230 15.75 -36.76 -6.34
CA ASP C 230 15.89 -36.36 -7.74
C ASP C 230 16.91 -37.26 -8.44
N GLY C 231 16.61 -37.58 -9.68
CA GLY C 231 17.58 -38.31 -10.49
C GLY C 231 17.10 -38.48 -11.89
N GLN C 232 17.73 -39.41 -12.59
CA GLN C 232 17.38 -39.73 -13.96
C GLN C 232 17.91 -41.12 -14.25
N THR C 233 17.05 -42.00 -14.78
CA THR C 233 17.40 -43.40 -14.95
C THR C 233 18.71 -43.60 -15.72
N GLU C 234 19.60 -44.39 -15.12
CA GLU C 234 20.92 -44.70 -15.67
C GLU C 234 21.87 -43.50 -15.73
N GLN C 235 21.50 -42.36 -15.15
CA GLN C 235 22.37 -41.19 -15.22
C GLN C 235 22.63 -40.63 -13.82
N ARG C 236 21.58 -40.45 -13.03
CA ARG C 236 21.67 -39.77 -11.75
C ARG C 236 20.69 -40.38 -10.77
N GLY C 237 21.02 -40.28 -9.48
CA GLY C 237 20.11 -40.66 -8.44
C GLY C 237 20.63 -41.84 -7.64
N ILE C 238 19.71 -42.68 -7.17
CA ILE C 238 20.05 -43.79 -6.30
C ILE C 238 19.30 -45.05 -6.74
N ASN C 239 19.78 -46.20 -6.27
CA ASN C 239 19.10 -47.46 -6.46
C ASN C 239 18.37 -47.85 -5.18
N LEU C 240 17.72 -49.00 -5.19
CA LEU C 240 16.84 -49.33 -4.07
C LEU C 240 17.64 -49.74 -2.84
N TRP C 241 18.81 -50.34 -3.04
CA TRP C 241 19.67 -50.65 -1.90
C TRP C 241 20.07 -49.38 -1.16
N GLU C 242 20.45 -48.35 -1.91
CA GLU C 242 20.88 -47.09 -1.29
C GLU C 242 19.72 -46.37 -0.63
N MET C 243 18.55 -46.36 -1.25
CA MET C 243 17.41 -45.73 -0.61
C MET C 243 17.03 -46.45 0.68
N ALA C 244 17.07 -47.79 0.68
CA ALA C 244 16.71 -48.56 1.86
C ALA C 244 17.65 -48.29 3.03
N GLU C 245 18.95 -48.18 2.77
CA GLU C 245 19.90 -47.82 3.83
C GLU C 245 19.61 -46.44 4.37
N PHE C 246 19.42 -45.45 3.49
CA PHE C 246 19.09 -44.12 3.95
C PHE C 246 17.88 -44.13 4.87
N LEU C 247 16.82 -44.85 4.48
CA LEU C 247 15.58 -44.82 5.25
C LEU C 247 15.75 -45.49 6.60
N LEU C 248 16.54 -46.57 6.68
CA LEU C 248 16.78 -47.21 7.97
C LEU C 248 17.43 -46.25 8.94
N ARG C 249 18.36 -45.42 8.44
CA ARG C 249 18.97 -44.38 9.29
C ARG C 249 17.93 -43.41 9.81
N GLN C 250 16.88 -43.14 9.04
CA GLN C 250 15.85 -42.21 9.46
C GLN C 250 14.79 -42.83 10.36
N GLY C 251 14.98 -44.07 10.80
CA GLY C 251 14.05 -44.68 11.72
C GLY C 251 12.86 -45.33 11.08
N VAL C 252 12.91 -45.58 9.77
CA VAL C 252 11.79 -46.21 9.09
C VAL C 252 11.80 -47.68 9.44
N VAL C 253 10.63 -48.22 9.80
CA VAL C 253 10.51 -49.62 10.16
C VAL C 253 9.82 -50.44 9.08
N ASN C 254 8.95 -49.84 8.27
CA ASN C 254 8.42 -50.51 7.10
C ASN C 254 8.26 -49.48 5.98
N ALA C 255 8.53 -49.91 4.75
CA ALA C 255 8.41 -49.01 3.63
C ALA C 255 8.41 -49.76 2.30
N ILE C 256 7.70 -49.19 1.32
CA ILE C 256 7.70 -49.75 -0.02
C ILE C 256 8.16 -48.69 -1.02
N ASN C 257 8.63 -49.18 -2.16
CA ASN C 257 9.13 -48.34 -3.23
C ASN C 257 7.97 -47.98 -4.15
N LEU C 258 7.75 -46.69 -4.34
CA LEU C 258 6.72 -46.18 -5.24
C LEU C 258 7.36 -45.88 -6.58
N ASP C 259 6.59 -45.28 -7.49
CA ASP C 259 7.09 -45.03 -8.84
C ASP C 259 8.24 -44.01 -8.81
N GLY C 260 9.30 -44.32 -9.55
CA GLY C 260 10.43 -43.42 -9.73
C GLY C 260 10.61 -42.95 -11.17
N GLY C 261 11.86 -42.76 -11.57
CA GLY C 261 12.11 -42.20 -12.89
C GLY C 261 11.45 -40.84 -13.07
N GLY C 262 10.98 -40.59 -14.30
CA GLY C 262 10.32 -39.34 -14.63
C GLY C 262 9.05 -39.09 -13.85
N SER C 263 8.44 -40.13 -13.28
CA SER C 263 7.23 -39.95 -12.49
C SER C 263 7.52 -39.27 -11.16
N ALA C 264 8.74 -39.40 -10.65
CA ALA C 264 9.04 -38.88 -9.32
C ALA C 264 8.80 -37.38 -9.26
N THR C 265 7.95 -36.97 -8.32
CA THR C 265 7.56 -35.57 -8.18
C THR C 265 7.31 -35.27 -6.70
N PHE C 266 7.74 -34.09 -6.28
CA PHE C 266 7.54 -33.59 -4.93
C PHE C 266 6.90 -32.21 -5.01
N VAL C 267 5.69 -32.09 -4.46
CA VAL C 267 4.91 -30.86 -4.53
C VAL C 267 4.65 -30.40 -3.11
N LEU C 268 5.07 -29.17 -2.82
CA LEU C 268 4.95 -28.60 -1.49
C LEU C 268 3.97 -27.43 -1.53
N ASN C 269 2.88 -27.57 -0.80
CA ASN C 269 1.82 -26.56 -0.81
C ASN C 269 1.41 -26.20 -2.23
N GLY C 270 1.30 -27.21 -3.08
CA GLY C 270 0.84 -27.02 -4.45
C GLY C 270 1.91 -26.59 -5.43
N THR C 271 3.11 -26.27 -4.96
CA THR C 271 4.21 -25.82 -5.80
C THR C 271 5.20 -26.95 -6.03
N LEU C 272 5.58 -27.15 -7.29
CA LEU C 272 6.65 -28.08 -7.62
C LEU C 272 7.94 -27.68 -6.92
N ALA C 273 8.54 -28.63 -6.21
CA ALA C 273 9.73 -28.37 -5.41
C ALA C 273 10.82 -29.40 -5.68
N SER C 274 10.75 -30.10 -6.80
CA SER C 274 11.77 -31.05 -7.23
C SER C 274 12.14 -30.75 -8.66
N TYR C 275 13.10 -31.54 -9.17
CA TYR C 275 13.63 -31.43 -10.53
C TYR C 275 13.28 -32.69 -11.32
N PRO C 276 12.15 -32.72 -12.02
CA PRO C 276 11.79 -33.91 -12.80
C PRO C 276 12.80 -34.18 -13.89
N SER C 277 12.85 -35.44 -14.35
CA SER C 277 13.81 -35.85 -15.36
C SER C 277 13.27 -35.77 -16.78
N ASP C 278 11.96 -35.82 -16.97
CA ASP C 278 11.42 -35.72 -18.32
C ASP C 278 11.68 -34.33 -18.89
N HIS C 279 11.96 -34.28 -20.20
CA HIS C 279 12.10 -33.03 -20.91
C HIS C 279 10.74 -32.56 -21.41
N CYS C 280 10.53 -31.24 -21.41
CA CYS C 280 9.36 -30.68 -22.05
C CYS C 280 9.43 -30.89 -23.56
N GLN C 281 8.28 -30.79 -24.21
CA GLN C 281 8.19 -31.10 -25.64
C GLN C 281 9.01 -30.12 -26.47
N ASP C 282 9.90 -30.65 -27.30
CA ASP C 282 10.66 -29.87 -28.27
C ASP C 282 11.54 -28.80 -27.60
N ASN C 283 11.95 -29.04 -26.36
CA ASN C 283 12.98 -28.21 -25.73
C ASN C 283 13.65 -29.04 -24.63
N MET C 284 14.68 -28.45 -24.02
CA MET C 284 15.48 -29.19 -23.04
C MET C 284 15.17 -28.76 -21.62
N TRP C 285 14.08 -28.04 -21.41
CA TRP C 285 13.62 -27.78 -20.06
C TRP C 285 13.02 -29.05 -19.47
N ARG C 286 12.99 -29.13 -18.15
CA ARG C 286 12.45 -30.27 -17.45
C ARG C 286 10.98 -30.02 -17.11
N CYS C 287 10.17 -31.08 -17.19
CA CYS C 287 8.72 -30.94 -17.02
C CYS C 287 8.16 -32.06 -16.15
N PRO C 288 7.22 -31.76 -15.26
CA PRO C 288 6.63 -32.83 -14.45
C PRO C 288 5.80 -33.77 -15.31
N ARG C 289 5.88 -35.06 -14.99
CA ARG C 289 5.15 -36.06 -15.76
C ARG C 289 3.68 -36.13 -15.35
N ARG C 290 2.82 -36.40 -16.32
CA ARG C 290 1.42 -36.72 -16.04
C ARG C 290 1.37 -38.15 -15.51
N VAL C 291 0.98 -38.32 -14.25
CA VAL C 291 1.00 -39.64 -13.63
C VAL C 291 -0.41 -40.08 -13.25
N SER C 292 -0.51 -41.12 -12.42
CA SER C 292 -1.80 -41.70 -12.03
C SER C 292 -2.11 -41.34 -10.57
N THR C 293 -2.05 -42.31 -9.66
CA THR C 293 -2.37 -42.00 -8.27
C THR C 293 -1.32 -41.10 -7.63
N VAL C 294 -1.74 -40.41 -6.57
CA VAL C 294 -0.91 -39.47 -5.81
C VAL C 294 -1.04 -39.78 -4.32
N VAL C 295 0.06 -39.60 -3.59
CA VAL C 295 0.06 -39.69 -2.12
C VAL C 295 0.10 -38.27 -1.55
N CYS C 296 -0.85 -37.99 -0.64
CA CYS C 296 -1.16 -36.65 -0.16
C CYS C 296 -1.09 -36.60 1.36
N VAL C 297 -0.46 -35.55 1.88
CA VAL C 297 -0.49 -35.18 3.29
C VAL C 297 -1.17 -33.81 3.36
N HIS C 298 -2.30 -33.74 4.04
CA HIS C 298 -3.06 -32.51 4.15
C HIS C 298 -3.23 -32.16 5.62
N GLU C 299 -3.91 -31.04 5.86
CA GLU C 299 -4.17 -30.64 7.25
C GLU C 299 -5.21 -31.57 7.86
N PRO C 300 -5.07 -31.89 9.16
CA PRO C 300 -6.03 -32.77 9.84
C PRO C 300 -7.41 -32.13 10.01
N LEU D 32 -49.26 39.51 -3.51
CA LEU D 32 -49.26 40.93 -3.14
C LEU D 32 -48.21 41.23 -2.08
N LYS D 33 -48.18 40.44 -1.01
CA LYS D 33 -47.17 40.57 0.04
C LYS D 33 -46.01 39.60 -0.15
N HIS D 34 -46.02 38.82 -1.22
CA HIS D 34 -44.95 37.86 -1.50
C HIS D 34 -44.77 37.75 -3.01
N GLU D 35 -43.63 37.19 -3.40
CA GLU D 35 -43.28 36.96 -4.80
C GLU D 35 -43.32 35.46 -5.08
N ASN D 36 -43.95 35.09 -6.18
CA ASN D 36 -44.02 33.70 -6.63
C ASN D 36 -43.11 33.55 -7.85
N TRP D 37 -42.28 32.52 -7.85
CA TRP D 37 -41.43 32.21 -8.99
C TRP D 37 -41.80 30.82 -9.53
N PRO D 38 -42.46 30.73 -10.68
CA PRO D 38 -42.88 29.40 -11.15
C PRO D 38 -41.68 28.57 -11.53
N PRO D 39 -41.77 27.25 -11.46
CA PRO D 39 -40.61 26.42 -11.75
C PRO D 39 -40.32 26.40 -13.21
N PRO D 40 -39.05 26.21 -13.63
CA PRO D 40 -38.72 26.07 -15.05
C PRO D 40 -38.59 24.61 -15.46
N GLY D 47 -28.32 18.94 -11.13
CA GLY D 47 -27.02 19.48 -11.49
C GLY D 47 -26.07 19.59 -10.31
N PRO D 48 -24.79 19.86 -10.58
CA PRO D 48 -23.82 19.99 -9.48
C PRO D 48 -23.74 21.43 -9.01
N PRO D 49 -23.97 21.67 -7.72
CA PRO D 49 -24.00 23.07 -7.25
C PRO D 49 -22.67 23.78 -7.45
N ALA D 50 -22.74 25.05 -7.81
CA ALA D 50 -21.54 25.85 -7.97
C ALA D 50 -21.24 26.56 -6.65
N VAL D 51 -20.11 26.21 -6.04
CA VAL D 51 -19.66 26.85 -4.81
C VAL D 51 -18.54 27.81 -5.20
N ARG D 52 -18.71 29.08 -4.87
CA ARG D 52 -17.73 30.11 -5.18
C ARG D 52 -17.20 30.73 -3.90
N THR D 53 -15.89 30.88 -3.83
CA THR D 53 -15.18 31.49 -2.72
C THR D 53 -14.82 32.92 -3.11
N PHE D 54 -15.02 33.84 -2.18
CA PHE D 54 -14.69 35.24 -2.44
C PHE D 54 -13.98 35.84 -1.25
N VAL D 55 -13.15 36.83 -1.55
CA VAL D 55 -12.59 37.75 -0.57
C VAL D 55 -12.76 39.10 -1.23
N SER D 56 -13.83 39.81 -0.88
CA SER D 56 -14.19 41.04 -1.59
C SER D 56 -14.25 42.19 -0.60
N HIS D 57 -14.12 43.39 -1.12
CA HIS D 57 -13.97 44.57 -0.27
C HIS D 57 -15.30 45.30 -0.18
N PHE D 58 -15.64 45.71 1.04
CA PHE D 58 -16.80 46.56 1.31
C PHE D 58 -16.31 47.75 2.11
N GLY D 59 -16.42 48.95 1.53
CA GLY D 59 -16.05 50.15 2.24
C GLY D 59 -14.63 50.14 2.77
N GLY D 60 -13.73 49.47 2.05
CA GLY D 60 -12.34 49.42 2.45
C GLY D 60 -11.95 48.23 3.30
N ARG D 61 -12.87 47.32 3.61
CA ARG D 61 -12.59 46.15 4.42
C ARG D 61 -12.76 44.89 3.59
N ALA D 62 -11.79 43.97 3.71
CA ALA D 62 -11.87 42.68 3.03
C ALA D 62 -12.72 41.72 3.85
N VAL D 63 -13.70 41.10 3.18
CA VAL D 63 -14.64 40.18 3.81
C VAL D 63 -14.57 38.88 3.03
N SER D 64 -14.48 37.77 3.73
CA SER D 64 -14.42 36.45 3.11
C SER D 64 -15.75 35.72 3.26
N GLY D 65 -16.04 34.87 2.28
CA GLY D 65 -17.30 34.13 2.30
C GLY D 65 -17.43 33.21 1.11
N HIS D 66 -18.64 32.65 0.96
CA HIS D 66 -18.96 31.78 -0.16
C HIS D 66 -20.32 32.14 -0.74
N LEU D 67 -20.43 31.99 -2.04
CA LEU D 67 -21.70 32.10 -2.77
C LEU D 67 -21.96 30.73 -3.37
N THR D 68 -23.16 30.19 -3.14
CA THR D 68 -23.53 28.87 -3.61
C THR D 68 -24.77 28.99 -4.49
N ARG D 69 -24.75 28.29 -5.61
CA ARG D 69 -25.85 28.31 -6.59
C ARG D 69 -26.16 26.86 -6.92
N ALA D 70 -27.42 26.45 -6.73
CA ALA D 70 -27.80 25.06 -6.86
C ALA D 70 -29.05 24.93 -7.71
N ALA D 71 -29.01 24.00 -8.67
CA ALA D 71 -30.16 23.75 -9.53
C ALA D 71 -31.12 22.75 -8.89
N ALA D 72 -32.33 22.69 -9.43
CA ALA D 72 -33.35 21.76 -8.99
C ALA D 72 -33.57 21.84 -7.46
N PRO D 73 -33.90 23.03 -6.95
CA PRO D 73 -34.15 23.11 -5.49
C PRO D 73 -35.25 22.18 -5.03
N LEU D 74 -36.22 21.88 -5.89
CA LEU D 74 -37.29 20.97 -5.49
C LEU D 74 -36.75 19.58 -5.17
N ARG D 75 -35.63 19.19 -5.78
CA ARG D 75 -35.04 17.89 -5.53
C ARG D 75 -33.80 17.94 -4.66
N THR D 76 -33.19 19.12 -4.43
CA THR D 76 -31.93 19.20 -3.72
C THR D 76 -31.97 20.04 -2.44
N PHE D 77 -32.94 20.95 -2.30
CA PHE D 77 -33.00 21.86 -1.16
C PHE D 77 -33.92 21.30 -0.10
N SER D 78 -33.44 21.28 1.15
CA SER D 78 -34.28 20.91 2.28
C SER D 78 -33.95 21.78 3.48
N VAL D 79 -34.98 22.00 4.31
CA VAL D 79 -34.83 22.62 5.62
C VAL D 79 -34.81 21.51 6.66
N LEU D 80 -33.75 21.47 7.46
CA LEU D 80 -33.55 20.42 8.45
C LEU D 80 -33.74 20.97 9.86
N GLU D 81 -34.32 20.15 10.72
CA GLU D 81 -34.46 20.48 12.13
C GLU D 81 -33.16 20.15 12.87
N PRO D 82 -32.87 20.85 13.97
CA PRO D 82 -31.62 20.60 14.69
C PRO D 82 -31.56 19.18 15.24
N GLY D 83 -30.49 18.47 14.89
CA GLY D 83 -30.33 17.10 15.33
C GLY D 83 -31.28 16.09 14.70
N GLY D 84 -31.92 16.43 13.58
CA GLY D 84 -32.78 15.49 12.92
C GLY D 84 -34.26 15.84 13.09
N PRO D 85 -35.12 15.10 12.39
CA PRO D 85 -36.57 15.40 12.46
C PRO D 85 -37.08 15.34 13.89
N GLY D 86 -37.93 16.32 14.23
CA GLY D 86 -38.41 16.51 15.58
C GLY D 86 -37.57 17.45 16.43
N GLY D 87 -36.51 18.02 15.86
CA GLY D 87 -35.63 18.86 16.67
C GLY D 87 -36.33 20.08 17.24
N CYS D 88 -37.17 20.74 16.45
CA CYS D 88 -37.82 21.95 16.92
C CYS D 88 -38.73 21.69 18.11
N SER D 89 -39.52 20.61 18.05
CA SER D 89 -40.42 20.31 19.17
C SER D 89 -39.62 19.95 20.42
N GLN D 90 -38.48 19.28 20.26
CA GLN D 90 -37.58 19.03 21.38
C GLN D 90 -36.78 20.27 21.77
N LYS D 91 -36.86 21.34 20.98
CA LYS D 91 -36.03 22.53 21.19
C LYS D 91 -34.55 22.16 21.23
N ARG D 92 -34.17 21.22 20.37
CA ARG D 92 -32.79 20.78 20.25
C ARG D 92 -31.91 21.87 19.66
N ARG D 93 -30.65 21.89 20.08
CA ARG D 93 -29.63 22.75 19.48
C ARG D 93 -28.45 21.88 19.08
N ALA D 94 -27.95 22.08 17.87
CA ALA D 94 -26.82 21.32 17.37
C ALA D 94 -26.09 22.15 16.32
N THR D 95 -24.79 21.89 16.18
CA THR D 95 -24.01 22.56 15.14
C THR D 95 -24.54 22.15 13.75
N VAL D 96 -24.24 23.00 12.77
CA VAL D 96 -24.63 22.67 11.40
C VAL D 96 -23.97 21.37 10.96
N GLU D 97 -22.71 21.14 11.35
CA GLU D 97 -22.04 19.90 10.96
C GLU D 97 -22.80 18.68 11.47
N GLU D 98 -23.18 18.70 12.74
CA GLU D 98 -23.93 17.60 13.32
C GLU D 98 -25.21 17.34 12.53
N THR D 99 -25.93 18.40 12.21
CA THR D 99 -27.21 18.23 11.52
C THR D 99 -26.99 17.85 10.07
N ALA D 100 -25.97 18.42 9.41
CA ALA D 100 -25.77 18.16 7.99
C ALA D 100 -25.19 16.76 7.76
N GLN D 101 -24.32 16.29 8.65
CA GLN D 101 -23.67 15.00 8.45
C GLN D 101 -24.71 13.88 8.45
N ALA D 102 -25.73 14.02 9.29
CA ALA D 102 -26.79 13.02 9.33
C ALA D 102 -27.58 12.97 8.03
N ALA D 103 -27.61 14.07 7.26
CA ALA D 103 -28.43 14.15 6.07
C ALA D 103 -27.61 14.17 4.78
N ALA D 104 -26.29 14.03 4.87
CA ALA D 104 -25.45 13.92 3.68
C ALA D 104 -25.56 15.16 2.79
N CYS D 105 -25.55 16.34 3.42
CA CYS D 105 -25.64 17.59 2.67
C CYS D 105 -24.32 17.88 1.96
N ARG D 106 -24.41 18.21 0.67
CA ARG D 106 -23.25 18.72 -0.04
C ARG D 106 -22.88 20.11 0.45
N ILE D 107 -23.87 20.97 0.67
CA ILE D 107 -23.68 22.29 1.25
C ILE D 107 -24.69 22.48 2.36
N ALA D 108 -24.25 23.05 3.48
CA ALA D 108 -25.14 23.35 4.59
C ALA D 108 -24.74 24.66 5.24
N GLN D 109 -25.75 25.45 5.59
CA GLN D 109 -25.59 26.68 6.33
C GLN D 109 -26.63 26.71 7.44
N ASN D 110 -26.37 27.52 8.46
CA ASN D 110 -27.34 27.72 9.52
C ASN D 110 -28.62 28.30 8.92
N GLY D 111 -29.73 28.12 9.63
CA GLY D 111 -31.02 28.48 9.07
C GLY D 111 -31.63 29.69 9.73
N GLY D 112 -32.81 29.51 10.33
CA GLY D 112 -33.51 30.62 10.94
C GLY D 112 -33.01 30.98 12.33
N PHE D 113 -33.73 31.93 12.92
CA PHE D 113 -33.43 32.47 14.24
C PHE D 113 -34.06 31.60 15.31
N PHE D 114 -33.45 31.61 16.49
CA PHE D 114 -33.94 30.77 17.57
C PHE D 114 -33.66 31.48 18.89
N ARG D 115 -34.34 31.01 19.94
CA ARG D 115 -34.09 31.51 21.30
C ARG D 115 -32.92 30.75 21.91
N MET D 116 -31.83 31.48 22.20
CA MET D 116 -30.62 30.84 22.71
C MET D 116 -30.88 30.16 24.05
N ASN D 117 -31.60 30.83 24.95
CA ASN D 117 -31.79 30.29 26.30
C ASN D 117 -32.65 29.03 26.30
N THR D 118 -33.59 28.91 25.37
CA THR D 118 -34.54 27.81 25.38
C THR D 118 -34.41 26.86 24.21
N GLY D 119 -33.86 27.31 23.09
CA GLY D 119 -33.81 26.48 21.90
C GLY D 119 -35.09 26.45 21.09
N GLU D 120 -35.99 27.39 21.31
CA GLU D 120 -37.23 27.45 20.53
C GLU D 120 -36.94 27.89 19.11
N CYS D 121 -37.42 27.11 18.13
CA CYS D 121 -37.42 27.55 16.73
C CYS D 121 -38.40 28.71 16.58
N LEU D 122 -37.95 29.79 15.94
CA LEU D 122 -38.76 30.97 15.74
C LEU D 122 -39.20 31.08 14.29
N GLY D 123 -40.50 31.32 14.08
CA GLY D 123 -41.04 31.55 12.75
C GLY D 123 -41.57 30.27 12.12
N ASN D 124 -42.25 30.45 11.00
CA ASN D 124 -42.75 29.31 10.24
C ASN D 124 -41.59 28.44 9.78
N VAL D 125 -41.72 27.14 9.96
CA VAL D 125 -40.74 26.18 9.47
C VAL D 125 -41.50 24.94 8.98
N VAL D 126 -41.26 24.57 7.73
CA VAL D 126 -41.69 23.29 7.18
C VAL D 126 -40.44 22.56 6.75
N SER D 127 -40.24 21.37 7.29
CA SER D 127 -39.07 20.53 7.04
C SER D 127 -39.56 19.28 6.32
N ASP D 128 -39.25 19.19 5.03
CA ASP D 128 -39.64 18.04 4.20
C ASP D 128 -41.14 17.77 4.31
N GLY D 129 -41.93 18.83 4.10
CA GLY D 129 -43.37 18.74 4.09
C GLY D 129 -44.06 18.78 5.44
N ARG D 130 -43.31 18.82 6.54
CA ARG D 130 -43.86 18.78 7.89
C ARG D 130 -43.63 20.12 8.59
N ARG D 131 -44.72 20.79 8.95
CA ARG D 131 -44.61 22.08 9.64
C ARG D 131 -44.27 21.83 11.11
N VAL D 132 -43.26 22.53 11.60
CA VAL D 132 -42.71 22.24 12.91
C VAL D 132 -42.60 23.50 13.76
N SER D 133 -42.89 24.64 13.16
CA SER D 133 -42.85 25.91 13.86
C SER D 133 -43.80 26.87 13.17
N SER D 134 -44.32 27.84 13.92
CA SER D 134 -45.27 28.80 13.40
C SER D 134 -44.84 30.22 13.75
N SER D 135 -45.32 31.18 12.96
CA SER D 135 -44.97 32.59 13.21
C SER D 135 -45.51 33.09 14.55
N GLY D 136 -46.60 32.52 15.03
CA GLY D 136 -47.17 33.00 16.28
C GLY D 136 -47.63 34.45 16.20
N GLY D 137 -48.18 34.86 15.06
CA GLY D 137 -48.71 36.19 14.88
C GLY D 137 -47.74 37.21 14.29
N LEU D 138 -46.44 36.94 14.30
CA LEU D 138 -45.45 37.89 13.81
C LEU D 138 -45.38 37.86 12.29
N GLN D 139 -44.88 38.96 11.74
CA GLN D 139 -44.67 39.12 10.30
C GLN D 139 -43.17 39.25 10.04
N ASN D 140 -42.58 38.20 9.47
CA ASN D 140 -41.16 38.21 9.14
C ASN D 140 -40.94 37.61 7.75
N ALA D 141 -39.80 37.95 7.16
CA ALA D 141 -39.47 37.51 5.82
C ALA D 141 -39.38 36.00 5.80
N GLN D 142 -39.91 35.39 4.76
CA GLN D 142 -39.91 33.95 4.64
C GLN D 142 -39.44 33.54 3.25
N PHE D 143 -38.98 32.30 3.15
CA PHE D 143 -38.53 31.70 1.90
C PHE D 143 -38.90 30.23 1.92
N GLY D 144 -39.49 29.77 0.82
CA GLY D 144 -39.92 28.38 0.76
C GLY D 144 -40.17 27.97 -0.67
N ILE D 145 -40.40 26.68 -0.84
CA ILE D 145 -40.69 26.09 -2.15
C ILE D 145 -41.94 25.24 -2.00
N ARG D 146 -42.86 25.39 -2.94
CA ARG D 146 -44.08 24.62 -2.93
C ARG D 146 -43.89 23.28 -3.64
N ARG D 147 -44.89 22.39 -3.50
CA ARG D 147 -44.72 21.01 -3.94
C ARG D 147 -44.50 20.92 -5.44
N ASP D 148 -45.04 21.85 -6.20
CA ASP D 148 -44.84 21.88 -7.65
C ASP D 148 -43.59 22.63 -8.07
N GLY D 149 -42.72 23.00 -7.13
CA GLY D 149 -41.48 23.66 -7.45
C GLY D 149 -41.52 25.17 -7.42
N THR D 150 -42.68 25.77 -7.14
CA THR D 150 -42.78 27.23 -7.08
C THR D 150 -42.02 27.77 -5.89
N LEU D 151 -41.13 28.73 -6.13
CA LEU D 151 -40.38 29.41 -5.09
C LEU D 151 -41.16 30.63 -4.62
N VAL D 152 -41.30 30.79 -3.30
CA VAL D 152 -42.05 31.91 -2.73
C VAL D 152 -41.15 32.67 -1.77
N THR D 153 -41.23 34.00 -1.83
CA THR D 153 -40.47 34.85 -0.95
C THR D 153 -41.30 36.06 -0.51
N GLY D 154 -41.21 36.38 0.77
CA GLY D 154 -41.94 37.52 1.29
C GLY D 154 -42.71 37.26 2.57
N TYR D 155 -43.82 37.97 2.74
CA TYR D 155 -44.63 37.89 3.95
C TYR D 155 -45.87 37.05 3.66
N LEU D 156 -46.04 35.97 4.40
CA LEU D 156 -47.08 34.99 4.16
C LEU D 156 -48.04 34.95 5.34
N SER D 157 -49.34 34.97 5.04
CA SER D 157 -50.35 34.79 6.06
C SER D 157 -50.37 33.33 6.52
N GLU D 158 -51.05 33.09 7.65
CA GLU D 158 -51.19 31.72 8.14
C GLU D 158 -51.86 30.82 7.11
N GLU D 159 -52.79 31.37 6.32
CA GLU D 159 -53.52 30.55 5.35
C GLU D 159 -52.65 30.20 4.16
N GLU D 160 -51.81 31.14 3.72
CA GLU D 160 -50.85 30.82 2.66
C GLU D 160 -49.91 29.70 3.09
N VAL D 161 -49.55 29.66 4.37
CA VAL D 161 -48.68 28.60 4.86
C VAL D 161 -49.43 27.26 4.89
N LEU D 162 -50.69 27.29 5.33
CA LEU D 162 -51.46 26.06 5.50
C LEU D 162 -52.10 25.58 4.21
N ASP D 163 -51.93 26.29 3.11
CA ASP D 163 -52.64 25.96 1.88
C ASP D 163 -52.39 24.51 1.50
N THR D 164 -53.47 23.72 1.38
CA THR D 164 -53.34 22.33 0.98
C THR D 164 -53.25 22.15 -0.53
N GLU D 165 -53.60 23.18 -1.30
CA GLU D 165 -53.34 23.19 -2.74
C GLU D 165 -51.89 23.59 -2.96
N ASN D 166 -51.09 22.66 -3.49
CA ASN D 166 -49.70 22.94 -3.77
C ASN D 166 -49.00 23.32 -2.47
N PRO D 167 -48.98 22.42 -1.49
CA PRO D 167 -48.44 22.80 -0.17
C PRO D 167 -46.94 23.05 -0.20
N PHE D 168 -46.47 23.72 0.86
CA PHE D 168 -45.05 23.92 1.05
C PHE D 168 -44.38 22.60 1.43
N VAL D 169 -43.23 22.33 0.82
CA VAL D 169 -42.41 21.20 1.23
C VAL D 169 -41.19 21.66 2.01
N GLN D 170 -40.70 22.87 1.77
CA GLN D 170 -39.64 23.48 2.56
C GLN D 170 -39.97 24.94 2.76
N LEU D 171 -39.83 25.40 4.01
CA LEU D 171 -40.08 26.80 4.37
C LEU D 171 -39.30 27.18 5.62
N LEU D 172 -38.74 28.39 5.62
CA LEU D 172 -38.15 28.91 6.85
C LEU D 172 -38.29 30.43 6.87
N SER D 173 -38.20 31.00 8.07
CA SER D 173 -38.36 32.43 8.28
C SER D 173 -37.02 33.05 8.61
N GLY D 174 -36.85 34.32 8.25
CA GLY D 174 -35.65 35.06 8.57
C GLY D 174 -36.05 36.39 9.14
N VAL D 175 -35.16 37.38 9.09
CA VAL D 175 -35.45 38.73 9.59
C VAL D 175 -34.91 39.70 8.55
N VAL D 176 -35.82 40.39 7.85
CA VAL D 176 -35.55 41.39 6.83
C VAL D 176 -35.62 40.75 5.44
N TRP D 177 -36.49 41.29 4.60
CA TRP D 177 -36.60 40.91 3.20
C TRP D 177 -35.58 41.74 2.42
N LEU D 178 -34.48 41.11 2.01
CA LEU D 178 -33.37 41.87 1.47
C LEU D 178 -33.65 42.36 0.05
N ILE D 179 -34.21 41.50 -0.78
CA ILE D 179 -34.37 41.78 -2.20
C ILE D 179 -35.73 41.27 -2.60
N ARG D 180 -36.56 42.15 -3.14
CA ARG D 180 -37.85 41.78 -3.71
C ARG D 180 -37.83 42.11 -5.18
N ASN D 181 -38.08 41.11 -6.01
CA ASN D 181 -38.15 41.24 -7.47
C ASN D 181 -37.05 42.15 -8.01
N GLY D 182 -35.82 41.88 -7.60
CA GLY D 182 -34.65 42.56 -8.13
C GLY D 182 -34.37 43.92 -7.54
N SER D 183 -35.08 44.33 -6.49
CA SER D 183 -34.85 45.62 -5.84
C SER D 183 -34.58 45.41 -4.36
N ILE D 184 -33.67 46.21 -3.80
CA ILE D 184 -33.44 46.19 -2.35
C ILE D 184 -34.72 46.59 -1.64
N TYR D 185 -35.11 45.80 -0.64
CA TYR D 185 -36.36 45.97 0.09
C TYR D 185 -36.12 46.16 1.59
N ILE D 186 -34.92 46.59 1.97
CA ILE D 186 -34.58 46.70 3.38
C ILE D 186 -35.39 47.81 4.04
N ASN D 187 -35.54 48.96 3.36
CA ASN D 187 -36.34 50.05 3.89
C ASN D 187 -37.75 49.56 4.22
N GLU D 188 -38.35 48.84 3.28
CA GLU D 188 -39.72 48.38 3.48
C GLU D 188 -39.79 47.33 4.58
N SER D 189 -38.78 46.48 4.70
CA SER D 189 -38.77 45.51 5.79
C SER D 189 -38.72 46.21 7.14
N GLN D 190 -37.82 47.17 7.30
CA GLN D 190 -37.69 47.86 8.56
C GLN D 190 -38.98 48.51 9.00
N ALA D 191 -39.77 49.00 8.05
CA ALA D 191 -41.01 49.69 8.38
C ALA D 191 -42.17 48.75 8.66
N THR D 192 -42.08 47.49 8.24
CA THR D 192 -43.23 46.59 8.30
C THR D 192 -43.00 45.35 9.15
N GLU D 193 -41.82 44.75 9.10
CA GLU D 193 -41.61 43.46 9.75
C GLU D 193 -41.69 43.61 11.27
N SER D 194 -42.19 42.55 11.92
CA SER D 194 -42.17 42.47 13.37
C SER D 194 -40.74 42.36 13.88
N ASP D 195 -40.51 42.93 15.07
CA ASP D 195 -39.18 42.92 15.67
C ASP D 195 -39.27 42.33 17.08
N GLU D 196 -39.45 41.01 17.14
CA GLU D 196 -39.39 40.29 18.40
C GLU D 196 -38.47 39.09 18.33
N THR D 197 -37.85 38.82 17.17
CA THR D 197 -37.11 37.59 16.95
C THR D 197 -35.60 37.75 17.12
N GLN D 198 -34.99 38.73 16.44
CA GLN D 198 -33.55 38.92 16.59
C GLN D 198 -33.20 39.51 17.96
N GLU D 199 -32.05 39.10 18.49
CA GLU D 199 -31.59 39.53 19.80
C GLU D 199 -30.32 40.36 19.72
N THR D 200 -29.99 40.87 18.54
CA THR D 200 -28.80 41.70 18.39
C THR D 200 -28.96 43.04 19.08
N GLY D 201 -30.16 43.61 19.01
CA GLY D 201 -30.43 44.89 19.64
C GLY D 201 -31.62 45.58 19.00
N SER D 202 -31.54 46.89 18.84
CA SER D 202 -32.54 47.61 18.08
C SER D 202 -32.55 47.16 16.62
N PHE D 203 -33.70 47.31 15.98
CA PHE D 203 -33.81 46.99 14.56
C PHE D 203 -32.76 47.74 13.76
N SER D 204 -32.46 48.99 14.14
CA SER D 204 -31.54 49.81 13.37
C SER D 204 -30.11 49.30 13.51
N LYS D 205 -29.72 48.85 14.71
CA LYS D 205 -28.41 48.23 14.84
C LYS D 205 -28.32 46.96 14.01
N PHE D 206 -29.36 46.11 14.10
CA PHE D 206 -29.39 44.84 13.39
C PHE D 206 -29.17 45.03 11.90
N VAL D 207 -29.76 46.07 11.32
CA VAL D 207 -29.66 46.30 9.89
C VAL D 207 -28.28 46.83 9.51
N ASN D 208 -27.74 47.77 10.27
CA ASN D 208 -26.57 48.50 9.83
C ASN D 208 -25.27 48.10 10.50
N VAL D 209 -25.31 47.27 11.53
CA VAL D 209 -24.07 46.91 12.23
C VAL D 209 -23.28 45.90 11.39
N MET D 210 -21.96 45.98 11.52
CA MET D 210 -21.06 44.99 10.98
C MET D 210 -21.25 43.64 11.67
N SER D 211 -21.36 42.57 10.88
CA SER D 211 -21.35 41.24 11.50
C SER D 211 -21.17 40.17 10.43
N ALA D 212 -21.05 38.93 10.89
CA ALA D 212 -21.25 37.79 10.00
C ALA D 212 -22.71 37.75 9.57
N ARG D 213 -22.93 37.45 8.28
CA ARG D 213 -24.27 37.41 7.69
C ARG D 213 -24.45 36.19 6.80
N THR D 214 -25.70 35.73 6.69
CA THR D 214 -26.09 34.67 5.79
C THR D 214 -27.43 35.06 5.16
N ALA D 215 -27.66 34.55 3.94
CA ALA D 215 -28.86 34.86 3.19
C ALA D 215 -29.21 33.70 2.27
N ILE D 216 -30.50 33.58 1.98
CA ILE D 216 -31.03 32.59 1.06
C ILE D 216 -31.94 33.29 0.06
N GLY D 217 -31.83 32.89 -1.19
CA GLY D 217 -32.65 33.48 -2.23
C GLY D 217 -32.57 32.65 -3.49
N HIS D 218 -32.94 33.27 -4.61
CA HIS D 218 -32.88 32.58 -5.90
C HIS D 218 -32.62 33.59 -7.00
N ASP D 219 -32.11 33.09 -8.12
CA ASP D 219 -31.86 33.90 -9.30
C ASP D 219 -32.98 33.73 -10.31
N ARG D 220 -32.87 34.46 -11.43
CA ARG D 220 -33.94 34.51 -12.41
C ARG D 220 -34.09 33.21 -13.20
N ASP D 221 -33.19 32.25 -13.01
CA ASP D 221 -33.34 30.93 -13.59
C ASP D 221 -33.94 29.93 -12.60
N GLY D 222 -34.38 30.39 -11.44
CA GLY D 222 -34.96 29.51 -10.44
C GLY D 222 -33.96 28.71 -9.65
N GLN D 223 -32.67 29.02 -9.77
CA GLN D 223 -31.66 28.34 -8.97
C GLN D 223 -31.63 28.92 -7.57
N LEU D 224 -31.45 28.05 -6.58
CA LEU D 224 -31.30 28.47 -5.21
C LEU D 224 -29.94 29.12 -5.01
N VAL D 225 -29.90 30.20 -4.23
CA VAL D 225 -28.66 30.91 -3.93
C VAL D 225 -28.48 30.98 -2.42
N LEU D 226 -27.33 30.52 -1.95
CA LEU D 226 -26.95 30.64 -0.55
C LEU D 226 -25.76 31.57 -0.47
N PHE D 227 -25.73 32.41 0.56
CA PHE D 227 -24.64 33.34 0.79
C PHE D 227 -24.22 33.31 2.25
N HIS D 228 -22.93 33.44 2.51
CA HIS D 228 -22.46 33.68 3.87
C HIS D 228 -21.20 34.53 3.82
N ALA D 229 -21.00 35.31 4.88
CA ALA D 229 -19.82 36.16 5.03
C ALA D 229 -19.31 36.02 6.46
N ASP D 230 -18.03 35.71 6.60
CA ASP D 230 -17.40 35.63 7.90
C ASP D 230 -17.38 37.02 8.52
N GLY D 231 -17.58 37.07 9.83
CA GLY D 231 -17.43 38.32 10.55
C GLY D 231 -17.63 38.10 12.02
N GLN D 232 -17.81 39.22 12.73
CA GLN D 232 -18.09 39.23 14.16
C GLN D 232 -18.83 40.51 14.48
N THR D 233 -19.98 40.42 15.14
CA THR D 233 -20.80 41.60 15.41
C THR D 233 -20.00 42.74 16.06
N GLU D 234 -20.05 43.91 15.40
CA GLU D 234 -19.39 45.14 15.82
C GLU D 234 -17.88 45.14 15.62
N GLN D 235 -17.33 44.14 14.93
CA GLN D 235 -15.90 44.09 14.67
C GLN D 235 -15.60 43.81 13.20
N ARG D 236 -16.26 42.81 12.62
CA ARG D 236 -15.93 42.41 11.27
C ARG D 236 -17.18 41.94 10.55
N GLY D 237 -17.16 42.09 9.22
CA GLY D 237 -18.20 41.57 8.36
C GLY D 237 -18.86 42.69 7.56
N ILE D 238 -20.18 42.57 7.41
CA ILE D 238 -20.96 43.47 6.58
C ILE D 238 -22.31 43.67 7.24
N ASN D 239 -23.03 44.69 6.77
CA ASN D 239 -24.39 44.95 7.18
C ASN D 239 -25.36 44.53 6.06
N LEU D 240 -26.65 44.66 6.34
CA LEU D 240 -27.62 44.12 5.40
C LEU D 240 -27.62 44.89 4.09
N TRP D 241 -27.35 46.21 4.13
CA TRP D 241 -27.28 46.99 2.91
C TRP D 241 -26.16 46.47 2.01
N GLU D 242 -25.00 46.19 2.60
CA GLU D 242 -23.86 45.73 1.82
C GLU D 242 -24.12 44.35 1.24
N MET D 243 -24.67 43.43 2.06
CA MET D 243 -25.00 42.11 1.54
C MET D 243 -26.00 42.21 0.40
N ALA D 244 -27.07 42.98 0.58
CA ALA D 244 -28.08 43.06 -0.46
C ALA D 244 -27.50 43.58 -1.76
N GLU D 245 -26.63 44.59 -1.68
CA GLU D 245 -25.95 45.11 -2.86
C GLU D 245 -25.08 44.05 -3.53
N PHE D 246 -24.35 43.27 -2.73
CA PHE D 246 -23.51 42.21 -3.30
C PHE D 246 -24.36 41.18 -4.02
N LEU D 247 -25.50 40.79 -3.44
CA LEU D 247 -26.31 39.76 -4.05
C LEU D 247 -27.00 40.24 -5.33
N LEU D 248 -27.41 41.51 -5.38
CA LEU D 248 -27.99 42.04 -6.61
C LEU D 248 -27.03 41.89 -7.78
N ARG D 249 -25.77 42.27 -7.59
CA ARG D 249 -24.77 42.15 -8.65
C ARG D 249 -24.53 40.70 -9.06
N GLN D 250 -24.94 39.73 -8.25
CA GLN D 250 -24.80 38.33 -8.59
C GLN D 250 -26.04 37.75 -9.24
N GLY D 251 -27.06 38.57 -9.51
CA GLY D 251 -28.22 38.08 -10.20
C GLY D 251 -29.34 37.61 -9.31
N VAL D 252 -29.28 37.88 -8.01
CA VAL D 252 -30.36 37.45 -7.13
C VAL D 252 -31.57 38.36 -7.36
N VAL D 253 -32.76 37.75 -7.49
CA VAL D 253 -33.98 38.49 -7.69
C VAL D 253 -34.86 38.52 -6.46
N ASN D 254 -34.78 37.53 -5.58
CA ASN D 254 -35.44 37.54 -4.28
C ASN D 254 -34.51 36.90 -3.27
N ALA D 255 -34.48 37.44 -2.05
CA ALA D 255 -33.63 36.89 -1.02
C ALA D 255 -34.01 37.46 0.33
N ILE D 256 -33.82 36.64 1.38
CA ILE D 256 -34.07 37.06 2.75
C ILE D 256 -32.81 36.84 3.59
N ASN D 257 -32.76 37.55 4.70
CA ASN D 257 -31.65 37.50 5.62
C ASN D 257 -31.90 36.41 6.66
N LEU D 258 -30.95 35.48 6.78
CA LEU D 258 -31.05 34.43 7.78
C LEU D 258 -30.21 34.82 8.99
N ASP D 259 -30.08 33.88 9.93
CA ASP D 259 -29.36 34.14 11.18
C ASP D 259 -27.88 34.42 10.87
N GLY D 260 -27.34 35.49 11.46
CA GLY D 260 -25.93 35.80 11.33
C GLY D 260 -25.18 35.72 12.64
N GLY D 261 -24.24 36.64 12.87
CA GLY D 261 -23.47 36.62 14.10
C GLY D 261 -22.70 35.32 14.26
N GLY D 262 -22.61 34.84 15.50
CA GLY D 262 -21.99 33.58 15.83
C GLY D 262 -22.73 32.37 15.29
N SER D 263 -23.98 32.51 14.90
CA SER D 263 -24.68 31.40 14.28
C SER D 263 -24.18 31.13 12.86
N ALA D 264 -23.63 32.13 12.17
CA ALA D 264 -23.29 31.92 10.76
C ALA D 264 -22.27 30.80 10.63
N THR D 265 -22.59 29.80 9.80
CA THR D 265 -21.73 28.65 9.60
C THR D 265 -21.87 28.16 8.16
N PHE D 266 -20.76 27.73 7.57
CA PHE D 266 -20.76 27.18 6.23
C PHE D 266 -20.06 25.83 6.27
N VAL D 267 -20.79 24.78 5.91
CA VAL D 267 -20.30 23.40 5.99
C VAL D 267 -20.34 22.82 4.58
N LEU D 268 -19.19 22.38 4.09
CA LEU D 268 -19.01 21.83 2.75
C LEU D 268 -18.67 20.34 2.85
N ASN D 269 -19.55 19.50 2.31
CA ASN D 269 -19.40 18.06 2.37
C ASN D 269 -19.19 17.58 3.80
N GLY D 270 -19.94 18.16 4.72
CA GLY D 270 -19.84 17.80 6.13
C GLY D 270 -18.68 18.42 6.88
N THR D 271 -17.85 19.23 6.23
CA THR D 271 -16.69 19.84 6.86
C THR D 271 -16.88 21.33 7.03
N LEU D 272 -16.62 21.83 8.24
CA LEU D 272 -16.60 23.27 8.50
C LEU D 272 -15.61 23.94 7.55
N ALA D 273 -16.09 24.93 6.80
CA ALA D 273 -15.26 25.65 5.84
C ALA D 273 -15.41 27.15 6.02
N SER D 274 -15.75 27.61 7.22
CA SER D 274 -15.84 29.02 7.50
C SER D 274 -15.19 29.30 8.85
N TYR D 275 -15.17 30.56 9.25
CA TYR D 275 -14.56 30.97 10.52
C TYR D 275 -15.60 31.50 11.49
N PRO D 276 -16.11 30.66 12.41
CA PRO D 276 -17.12 31.14 13.36
C PRO D 276 -16.57 32.20 14.28
N SER D 277 -17.47 33.06 14.77
CA SER D 277 -17.06 34.16 15.66
C SER D 277 -17.11 33.76 17.14
N ASP D 278 -17.87 32.74 17.52
CA ASP D 278 -17.91 32.36 18.93
C ASP D 278 -16.56 31.80 19.37
N HIS D 279 -16.22 32.01 20.64
CA HIS D 279 -15.01 31.42 21.21
C HIS D 279 -15.37 30.09 21.84
N CYS D 280 -14.45 29.13 21.74
CA CYS D 280 -14.57 27.91 22.54
C CYS D 280 -14.44 28.26 24.03
N GLN D 281 -15.03 27.40 24.85
CA GLN D 281 -15.06 27.64 26.28
C GLN D 281 -13.63 27.72 26.85
N ASP D 282 -13.37 28.81 27.57
CA ASP D 282 -12.13 28.97 28.33
C ASP D 282 -10.89 28.99 27.44
N ASN D 283 -11.02 29.46 26.21
CA ASN D 283 -9.86 29.71 25.37
C ASN D 283 -10.27 30.68 24.26
N MET D 284 -9.32 31.01 23.39
CA MET D 284 -9.52 32.00 22.35
C MET D 284 -9.60 31.36 20.97
N TRP D 285 -9.70 30.04 20.90
CA TRP D 285 -10.03 29.43 19.63
C TRP D 285 -11.49 29.71 19.28
N ARG D 286 -11.82 29.57 18.00
CA ARG D 286 -13.17 29.75 17.50
C ARG D 286 -13.89 28.41 17.37
N CYS D 287 -15.18 28.41 17.71
CA CYS D 287 -16.00 27.21 17.71
C CYS D 287 -17.31 27.50 17.01
N PRO D 288 -17.83 26.54 16.26
CA PRO D 288 -19.16 26.74 15.66
C PRO D 288 -20.25 26.64 16.71
N ARG D 289 -21.30 27.40 16.50
CA ARG D 289 -22.37 27.48 17.48
C ARG D 289 -23.38 26.37 17.25
N ARG D 290 -23.98 25.91 18.35
CA ARG D 290 -25.11 24.98 18.29
C ARG D 290 -26.34 25.80 17.90
N VAL D 291 -26.85 25.59 16.68
CA VAL D 291 -27.93 26.42 16.15
C VAL D 291 -29.20 25.59 16.04
N SER D 292 -30.24 26.17 15.45
CA SER D 292 -31.53 25.50 15.32
C SER D 292 -31.66 24.88 13.94
N THR D 293 -32.57 25.40 13.11
CA THR D 293 -32.76 24.80 11.80
C THR D 293 -31.54 25.01 10.92
N VAL D 294 -31.46 24.22 9.86
CA VAL D 294 -30.35 24.25 8.92
C VAL D 294 -30.90 24.23 7.51
N VAL D 295 -30.27 24.98 6.60
CA VAL D 295 -30.59 24.92 5.18
C VAL D 295 -29.55 24.01 4.51
N CYS D 296 -30.03 23.09 3.67
CA CYS D 296 -29.24 21.99 3.14
C CYS D 296 -29.42 21.85 1.63
N VAL D 297 -28.31 21.63 0.93
CA VAL D 297 -28.33 21.23 -0.46
C VAL D 297 -27.70 19.84 -0.53
N HIS D 298 -28.48 18.86 -0.97
CA HIS D 298 -28.08 17.47 -1.06
C HIS D 298 -28.12 17.03 -2.52
N GLU D 299 -27.70 15.79 -2.76
CA GLU D 299 -27.71 15.26 -4.11
C GLU D 299 -29.14 15.06 -4.59
N PRO D 300 -29.44 15.38 -5.86
CA PRO D 300 -30.81 15.18 -6.38
C PRO D 300 -31.24 13.72 -6.33
#